data_4WD3
#
_entry.id   4WD3
#
_cell.length_a   58.380
_cell.length_b   87.290
_cell.length_c   85.260
_cell.angle_alpha   90.00
_cell.angle_beta   97.52
_cell.angle_gamma   90.00
#
_symmetry.space_group_name_H-M   'P 1 21 1'
#
_entity_poly.entity_id   1
_entity_poly.type   'polypeptide(L)'
_entity_poly.pdbx_seq_one_letter_code
;(MSE)VRILLINSDKPEPIQFFQKDKETNDSINISVITRSCYAPLYSHWADHVYIVDDVTDLTV(MSE)KSL(MSE)LEI
LKVGPIDHIVSTTEKSILTGGFLRSYFGIAGPGFETALY(MSE)TNKLA(MSE)KTKLK(MSE)EGIPVADFLCVSQVED
IPAAGEKLGWPIIVKPALGSGALNTFIIHSLDHYEDLYSTSGGLGELKKNNSL(MSE)IAEKCIE(MSE)EEFHCDTLYA
DGEILFVSISKYTVPLLKG(MSE)AKIQGSFILSQNDPVYAEILELQKSVAQAFRITDGPGHLEIYRTHSGELIVGEIA
(MSE)RIGGGGISR(MSE)IEKKFNISLWESSLNISVYRDPNLTVNPIEGTVGYFSLPCRNGTIKEFTPIEEWEKLAGIL
EVELLYQEGDVVDEKQSSSFDLARLYFCLENENEVQHLLALVKQTYYLHLTEDH(MSE)(MSE)NQ
;
_entity_poly.pdbx_strand_id   A,B
#
# COMPACT_ATOMS: atom_id res chain seq x y z
N VAL A 2 20.66 -16.83 -4.52
CA VAL A 2 19.76 -15.78 -4.95
C VAL A 2 18.37 -16.32 -5.25
N ARG A 3 17.47 -16.21 -4.27
CA ARG A 3 16.09 -16.65 -4.45
C ARG A 3 15.25 -15.57 -5.12
N ILE A 4 14.67 -15.91 -6.26
CA ILE A 4 13.87 -14.97 -7.03
C ILE A 4 12.44 -15.48 -7.21
N LEU A 5 11.47 -14.64 -6.86
CA LEU A 5 10.06 -14.99 -7.04
C LEU A 5 9.53 -14.40 -8.34
N LEU A 6 9.16 -15.28 -9.27
CA LEU A 6 8.68 -14.86 -10.58
C LEU A 6 7.17 -15.05 -10.71
N ILE A 7 6.46 -13.96 -10.92
CA ILE A 7 5.01 -14.03 -11.11
C ILE A 7 4.68 -13.78 -12.57
N ASN A 8 4.58 -14.86 -13.34
CA ASN A 8 4.39 -14.78 -14.79
C ASN A 8 3.29 -15.72 -15.26
N SER A 9 2.71 -15.42 -16.42
CA SER A 9 1.66 -16.25 -16.98
C SER A 9 2.20 -17.19 -18.05
N ASP A 10 2.30 -16.70 -19.28
CA ASP A 10 2.81 -17.51 -20.38
C ASP A 10 3.74 -16.69 -21.26
N LYS A 11 4.05 -15.47 -20.82
CA LYS A 11 5.02 -14.62 -21.50
C LYS A 11 6.36 -15.32 -21.55
N PRO A 12 6.84 -15.62 -22.77
CA PRO A 12 8.06 -16.42 -22.97
C PRO A 12 9.34 -15.67 -22.58
N GLU A 13 9.31 -14.34 -22.66
CA GLU A 13 10.51 -13.54 -22.42
C GLU A 13 11.09 -13.73 -21.00
N PRO A 14 10.28 -13.57 -19.95
CA PRO A 14 10.89 -13.81 -18.63
C PRO A 14 11.19 -15.28 -18.38
N ILE A 15 10.44 -16.16 -19.05
CA ILE A 15 10.69 -17.60 -18.93
C ILE A 15 12.05 -17.96 -19.49
N GLN A 16 12.34 -17.48 -20.70
CA GLN A 16 13.61 -17.76 -21.36
C GLN A 16 14.78 -17.15 -20.61
N PHE A 17 14.55 -15.97 -20.02
CA PHE A 17 15.59 -15.25 -19.30
C PHE A 17 16.08 -16.02 -18.07
N PHE A 18 15.14 -16.43 -17.22
CA PHE A 18 15.51 -17.08 -15.96
C PHE A 18 15.81 -18.56 -16.13
N GLN A 19 15.35 -19.15 -17.22
CA GLN A 19 15.66 -20.55 -17.53
C GLN A 19 17.11 -20.66 -17.99
N LYS A 20 17.52 -19.71 -18.83
CA LYS A 20 18.89 -19.64 -19.31
C LYS A 20 19.82 -19.19 -18.20
N ASP A 21 19.28 -18.40 -17.27
CA ASP A 21 20.05 -17.91 -16.14
C ASP A 21 20.41 -19.04 -15.17
N LYS A 22 19.48 -19.97 -14.97
CA LYS A 22 19.71 -21.10 -14.08
C LYS A 22 20.73 -22.06 -14.66
N GLU A 23 20.75 -22.17 -15.98
CA GLU A 23 21.66 -23.05 -16.69
C GLU A 23 23.11 -22.61 -16.54
N THR A 24 23.31 -21.31 -16.37
CA THR A 24 24.64 -20.72 -16.33
C THR A 24 25.05 -20.24 -14.93
N ASN A 25 24.17 -20.44 -13.95
CA ASN A 25 24.45 -20.00 -12.59
C ASN A 25 23.83 -20.94 -11.56
N ASP A 26 24.69 -21.53 -10.72
CA ASP A 26 24.24 -22.50 -9.73
C ASP A 26 23.61 -21.82 -8.51
N SER A 27 23.86 -20.53 -8.36
CA SER A 27 23.31 -19.77 -7.24
C SER A 27 21.84 -19.36 -7.43
N ILE A 28 21.37 -19.38 -8.67
CA ILE A 28 20.02 -18.93 -8.99
C ILE A 28 18.92 -19.92 -8.57
N ASN A 29 18.01 -19.45 -7.73
CA ASN A 29 16.84 -20.22 -7.33
C ASN A 29 15.57 -19.53 -7.80
N ILE A 30 14.78 -20.22 -8.62
CA ILE A 30 13.59 -19.62 -9.21
C ILE A 30 12.29 -20.15 -8.62
N SER A 31 11.55 -19.29 -7.95
CA SER A 31 10.22 -19.61 -7.47
C SER A 31 9.19 -18.97 -8.39
N VAL A 32 8.16 -19.73 -8.76
CA VAL A 32 7.19 -19.26 -9.72
C VAL A 32 5.76 -19.26 -9.18
N ILE A 33 5.05 -18.15 -9.38
CA ILE A 33 3.63 -18.06 -9.09
C ILE A 33 2.87 -17.90 -10.40
N THR A 34 2.03 -18.87 -10.73
CA THR A 34 1.31 -18.86 -12.01
C THR A 34 0.02 -19.66 -11.95
N ARG A 35 -0.74 -19.58 -13.03
CA ARG A 35 -2.00 -20.31 -13.16
C ARG A 35 -1.75 -21.79 -13.41
N SER A 36 -2.78 -22.60 -13.22
CA SER A 36 -2.65 -24.05 -13.38
C SER A 36 -2.40 -24.45 -14.83
N CYS A 37 -2.90 -23.64 -15.75
CA CYS A 37 -2.76 -23.94 -17.18
C CYS A 37 -1.37 -23.55 -17.69
N TYR A 38 -0.57 -22.93 -16.84
CA TYR A 38 0.76 -22.47 -17.23
C TYR A 38 1.86 -23.22 -16.48
N ALA A 39 1.46 -24.10 -15.57
CA ALA A 39 2.40 -24.86 -14.75
C ALA A 39 3.44 -25.68 -15.55
N PRO A 40 3.03 -26.35 -16.64
CA PRO A 40 4.05 -27.10 -17.38
C PRO A 40 5.16 -26.23 -17.99
N LEU A 41 4.93 -24.93 -18.08
CA LEU A 41 5.93 -24.01 -18.64
C LEU A 41 7.10 -23.79 -17.67
N TYR A 42 6.93 -24.20 -16.42
CA TYR A 42 7.93 -23.96 -15.39
C TYR A 42 8.35 -25.23 -14.66
N SER A 43 7.49 -26.24 -14.71
CA SER A 43 7.65 -27.46 -13.93
C SER A 43 8.98 -28.18 -14.14
N HIS A 44 9.53 -28.09 -15.35
CA HIS A 44 10.71 -28.88 -15.72
C HIS A 44 12.04 -28.17 -15.47
N TRP A 45 12.00 -26.90 -15.09
CA TRP A 45 13.25 -26.16 -14.88
C TRP A 45 13.25 -25.32 -13.60
N ALA A 46 12.10 -24.80 -13.22
CA ALA A 46 12.00 -23.97 -12.02
C ALA A 46 12.15 -24.81 -10.75
N ASP A 47 12.75 -24.21 -9.73
CA ASP A 47 12.98 -24.90 -8.46
C ASP A 47 11.67 -25.11 -7.70
N HIS A 48 10.82 -24.09 -7.71
CA HIS A 48 9.53 -24.16 -7.00
C HIS A 48 8.42 -23.56 -7.85
N VAL A 49 7.32 -24.29 -7.95
CA VAL A 49 6.15 -23.79 -8.69
C VAL A 49 4.91 -23.80 -7.81
N TYR A 50 4.35 -22.61 -7.58
CA TYR A 50 3.15 -22.49 -6.77
C TYR A 50 1.97 -22.10 -7.66
N ILE A 51 0.95 -22.95 -7.67
CA ILE A 51 -0.21 -22.72 -8.54
C ILE A 51 -1.23 -21.79 -7.90
N VAL A 52 -1.56 -20.72 -8.61
CA VAL A 52 -2.53 -19.75 -8.12
C VAL A 52 -3.48 -19.33 -9.24
N ASP A 53 -4.78 -19.46 -8.98
CA ASP A 53 -5.79 -19.12 -9.98
C ASP A 53 -6.08 -17.62 -10.01
N ASP A 54 -5.94 -16.96 -8.87
CA ASP A 54 -6.21 -15.52 -8.78
C ASP A 54 -5.12 -14.81 -7.99
N VAL A 55 -4.26 -14.09 -8.72
CA VAL A 55 -3.13 -13.39 -8.14
C VAL A 55 -3.54 -12.06 -7.49
N THR A 56 -4.74 -11.60 -7.80
CA THR A 56 -5.22 -10.30 -7.31
C THR A 56 -5.58 -10.38 -5.82
N ASP A 57 -5.96 -11.56 -5.35
CA ASP A 57 -6.35 -11.74 -3.95
C ASP A 57 -5.17 -11.56 -3.01
N LEU A 58 -5.04 -10.35 -2.46
CA LEU A 58 -3.91 -10.01 -1.61
C LEU A 58 -3.82 -10.86 -0.35
N THR A 59 -4.98 -11.24 0.18
CA THR A 59 -5.04 -12.04 1.40
C THR A 59 -4.43 -13.42 1.17
N VAL A 60 -4.79 -14.06 0.07
CA VAL A 60 -4.28 -15.38 -0.26
C VAL A 60 -2.79 -15.29 -0.62
N LYS A 62 -0.64 -13.12 0.64
CA LYS A 62 0.10 -12.95 1.88
C LYS A 62 0.30 -14.31 2.56
N SER A 63 -0.74 -15.13 2.55
CA SER A 63 -0.68 -16.46 3.15
C SER A 63 0.30 -17.35 2.40
N LEU A 64 0.29 -17.25 1.07
CA LEU A 64 1.19 -18.04 0.24
C LEU A 64 2.63 -17.57 0.41
N LEU A 66 4.01 -16.28 2.98
CA LEU A 66 4.52 -16.75 4.25
C LEU A 66 5.05 -18.17 4.13
N GLU A 67 4.33 -19.01 3.40
CA GLU A 67 4.74 -20.40 3.18
C GLU A 67 6.02 -20.46 2.35
N ILE A 68 6.13 -19.56 1.37
CA ILE A 68 7.32 -19.50 0.52
C ILE A 68 8.54 -19.06 1.32
N LEU A 69 8.35 -18.10 2.22
CA LEU A 69 9.44 -17.59 3.05
C LEU A 69 9.98 -18.66 4.00
N LYS A 70 9.13 -19.62 4.35
CA LYS A 70 9.54 -20.73 5.20
C LYS A 70 10.62 -21.56 4.52
N VAL A 71 10.49 -21.71 3.20
CA VAL A 71 11.50 -22.40 2.40
C VAL A 71 12.78 -21.58 2.36
N GLY A 72 12.63 -20.26 2.30
CA GLY A 72 13.75 -19.35 2.29
C GLY A 72 13.32 -17.95 1.91
N PRO A 73 14.12 -16.95 2.31
CA PRO A 73 13.82 -15.54 2.04
C PRO A 73 13.82 -15.22 0.55
N ILE A 74 13.21 -14.11 0.16
CA ILE A 74 13.18 -13.71 -1.24
C ILE A 74 14.02 -12.46 -1.43
N ASP A 75 14.90 -12.49 -2.42
CA ASP A 75 15.76 -11.35 -2.71
C ASP A 75 15.11 -10.40 -3.70
N HIS A 76 14.37 -10.96 -4.64
CA HIS A 76 13.72 -10.16 -5.67
C HIS A 76 12.35 -10.73 -6.07
N ILE A 77 11.40 -9.84 -6.32
CA ILE A 77 10.10 -10.26 -6.84
C ILE A 77 9.92 -9.70 -8.24
N VAL A 78 9.75 -10.60 -9.21
CA VAL A 78 9.61 -10.20 -10.60
C VAL A 78 8.16 -10.38 -11.08
N SER A 79 7.49 -9.26 -11.33
CA SER A 79 6.12 -9.27 -11.81
C SER A 79 6.07 -8.84 -13.28
N THR A 80 5.85 -9.80 -14.17
CA THR A 80 5.90 -9.52 -15.60
C THR A 80 4.51 -9.46 -16.24
N THR A 81 3.48 -9.79 -15.47
CA THR A 81 2.11 -9.69 -15.95
C THR A 81 1.41 -8.49 -15.33
N GLU A 82 0.35 -8.02 -15.97
CA GLU A 82 -0.37 -6.83 -15.53
C GLU A 82 -1.11 -7.05 -14.22
N LYS A 83 -1.68 -8.25 -14.04
CA LYS A 83 -2.44 -8.56 -12.83
C LYS A 83 -1.53 -8.75 -11.62
N SER A 84 -0.23 -8.85 -11.87
CA SER A 84 0.73 -9.12 -10.82
C SER A 84 1.41 -7.85 -10.30
N ILE A 85 1.20 -6.75 -11.00
CA ILE A 85 1.85 -5.49 -10.66
C ILE A 85 1.49 -5.01 -9.25
N LEU A 86 0.20 -4.90 -8.98
CA LEU A 86 -0.27 -4.45 -7.67
C LEU A 86 0.08 -5.46 -6.58
N THR A 87 -0.06 -6.74 -6.91
CA THR A 87 0.29 -7.81 -5.99
C THR A 87 1.78 -7.80 -5.68
N GLY A 88 2.59 -7.60 -6.71
CA GLY A 88 4.03 -7.52 -6.54
C GLY A 88 4.45 -6.36 -5.66
N GLY A 89 3.83 -5.21 -5.88
CA GLY A 89 4.12 -4.03 -5.09
C GLY A 89 3.71 -4.21 -3.64
N PHE A 90 2.59 -4.90 -3.43
CA PHE A 90 2.10 -5.20 -2.10
C PHE A 90 3.07 -6.10 -1.33
N LEU A 91 3.54 -7.14 -2.00
CA LEU A 91 4.43 -8.13 -1.38
C LEU A 91 5.79 -7.54 -1.02
N ARG A 92 6.31 -6.67 -1.88
CA ARG A 92 7.61 -6.04 -1.63
C ARG A 92 7.57 -5.15 -0.40
N SER A 93 6.55 -4.30 -0.31
CA SER A 93 6.40 -3.39 0.81
C SER A 93 6.17 -4.12 2.13
N TYR A 94 5.28 -5.11 2.09
CA TYR A 94 4.87 -5.82 3.30
C TYR A 94 6.00 -6.67 3.88
N PHE A 95 6.87 -7.18 3.01
CA PHE A 95 7.91 -8.11 3.45
C PHE A 95 9.32 -7.55 3.30
N GLY A 96 9.42 -6.23 3.16
CA GLY A 96 10.71 -5.54 3.17
C GLY A 96 11.66 -5.93 2.04
N ILE A 97 11.12 -6.14 0.85
CA ILE A 97 11.93 -6.51 -0.30
C ILE A 97 12.10 -5.33 -1.24
N ALA A 98 13.33 -5.08 -1.66
CA ALA A 98 13.66 -3.94 -2.52
C ALA A 98 12.93 -4.02 -3.85
N GLY A 99 12.52 -2.86 -4.36
CA GLY A 99 11.78 -2.78 -5.60
C GLY A 99 10.61 -1.82 -5.48
N PRO A 100 9.82 -1.68 -6.55
CA PRO A 100 8.64 -0.81 -6.57
C PRO A 100 7.64 -1.19 -5.48
N GLY A 101 7.23 -0.21 -4.68
CA GLY A 101 6.34 -0.46 -3.56
C GLY A 101 4.87 -0.54 -3.95
N PHE A 102 4.01 -0.61 -2.94
CA PHE A 102 2.58 -0.74 -3.15
C PHE A 102 1.99 0.48 -3.85
N GLU A 103 2.16 1.65 -3.24
CA GLU A 103 1.57 2.88 -3.75
C GLU A 103 2.02 3.18 -5.17
N THR A 104 3.31 2.98 -5.44
CA THR A 104 3.86 3.16 -6.78
C THR A 104 3.16 2.23 -7.76
N ALA A 105 2.97 0.98 -7.36
CA ALA A 105 2.28 -0.01 -8.18
C ALA A 105 0.80 0.28 -8.26
N LEU A 106 0.26 0.89 -7.20
CA LEU A 106 -1.16 1.23 -7.16
C LEU A 106 -1.49 2.30 -8.18
N TYR A 107 -0.56 3.23 -8.38
CA TYR A 107 -0.76 4.32 -9.32
C TYR A 107 -0.69 3.86 -10.77
N THR A 109 -1.95 0.85 -11.68
CA THR A 109 -2.95 -0.19 -11.79
C THR A 109 -4.34 0.39 -11.58
N ASN A 110 -4.56 0.96 -10.40
CA ASN A 110 -5.83 1.59 -10.06
C ASN A 110 -5.94 2.99 -10.68
N LYS A 111 -6.78 3.12 -11.70
CA LYS A 111 -6.96 4.41 -12.37
C LYS A 111 -7.53 5.47 -11.43
N LEU A 112 -8.34 5.03 -10.47
CA LEU A 112 -8.91 5.95 -9.49
C LEU A 112 -7.83 6.57 -8.61
N ALA A 113 -6.91 5.74 -8.15
CA ALA A 113 -5.81 6.21 -7.31
C ALA A 113 -4.80 6.98 -8.16
N LYS A 115 -5.55 8.82 -10.97
CA LYS A 115 -6.14 10.11 -11.29
C LYS A 115 -6.23 11.02 -10.06
N THR A 116 -6.36 10.42 -8.89
CA THR A 116 -6.50 11.19 -7.66
C THR A 116 -5.17 11.82 -7.27
N LYS A 117 -4.08 11.08 -7.44
CA LYS A 117 -2.76 11.57 -7.10
C LYS A 117 -2.33 12.68 -8.07
N LEU A 118 -2.61 12.49 -9.35
CA LEU A 118 -2.21 13.46 -10.37
C LEU A 118 -2.93 14.79 -10.21
N LYS A 119 -4.20 14.76 -9.83
CA LYS A 119 -4.96 15.98 -9.64
C LYS A 119 -4.51 16.75 -8.41
N GLU A 121 -1.39 16.85 -7.38
CA GLU A 121 -0.03 17.33 -7.60
C GLU A 121 0.04 18.49 -8.59
N GLY A 122 -0.91 18.54 -9.51
CA GLY A 122 -0.93 19.60 -10.51
C GLY A 122 -0.81 19.08 -11.93
N ILE A 123 -0.65 17.76 -12.07
CA ILE A 123 -0.55 17.16 -13.38
C ILE A 123 -1.94 17.07 -14.00
N PRO A 124 -2.13 17.71 -15.15
CA PRO A 124 -3.43 17.78 -15.81
C PRO A 124 -3.95 16.40 -16.21
N VAL A 125 -5.20 16.12 -15.88
CA VAL A 125 -5.81 14.83 -16.19
C VAL A 125 -7.28 15.04 -16.52
N ALA A 126 -7.79 14.21 -17.41
CA ALA A 126 -9.21 14.25 -17.77
C ALA A 126 -10.07 13.97 -16.53
N ASP A 127 -11.25 14.58 -16.49
CA ASP A 127 -12.18 14.39 -15.38
C ASP A 127 -12.59 12.93 -15.28
N PHE A 128 -13.13 12.53 -14.14
CA PHE A 128 -13.54 11.14 -13.95
C PHE A 128 -14.58 11.02 -12.84
N LEU A 129 -15.32 9.91 -12.87
CA LEU A 129 -16.27 9.61 -11.81
C LEU A 129 -16.05 8.22 -11.25
N CYS A 130 -16.17 8.08 -9.94
CA CYS A 130 -16.14 6.76 -9.31
C CYS A 130 -17.49 6.07 -9.51
N VAL A 131 -17.46 4.88 -10.09
CA VAL A 131 -18.69 4.15 -10.35
C VAL A 131 -18.71 2.81 -9.62
N SER A 132 -19.62 2.68 -8.65
CA SER A 132 -19.71 1.47 -7.85
C SER A 132 -20.82 0.54 -8.35
N GLN A 133 -21.64 1.05 -9.25
CA GLN A 133 -22.79 0.30 -9.76
C GLN A 133 -23.08 0.63 -11.21
N VAL A 134 -23.49 -0.39 -11.97
CA VAL A 134 -23.91 -0.18 -13.35
C VAL A 134 -25.20 0.63 -13.37
N GLU A 135 -25.94 0.60 -12.26
CA GLU A 135 -27.17 1.37 -12.12
C GLU A 135 -26.85 2.85 -11.89
N ASP A 136 -25.60 3.13 -11.56
CA ASP A 136 -25.17 4.51 -11.34
C ASP A 136 -24.69 5.15 -12.64
N ILE A 137 -24.66 4.38 -13.72
CA ILE A 137 -24.23 4.88 -15.02
C ILE A 137 -25.14 6.01 -15.57
N PRO A 138 -26.48 5.84 -15.52
CA PRO A 138 -27.30 6.95 -16.02
C PRO A 138 -27.07 8.25 -15.24
N ALA A 139 -26.82 8.14 -13.95
CA ALA A 139 -26.50 9.29 -13.11
C ALA A 139 -25.17 9.88 -13.52
N ALA A 140 -24.19 9.02 -13.75
CA ALA A 140 -22.85 9.44 -14.15
C ALA A 140 -22.85 9.96 -15.59
N GLY A 141 -23.71 9.40 -16.43
CA GLY A 141 -23.77 9.79 -17.82
C GLY A 141 -24.33 11.19 -18.03
N GLU A 142 -25.15 11.64 -17.09
CA GLU A 142 -25.75 12.97 -17.15
C GLU A 142 -24.88 14.06 -16.52
N LYS A 143 -23.97 13.67 -15.63
CA LYS A 143 -23.17 14.65 -14.92
C LYS A 143 -22.09 15.23 -15.84
N LEU A 144 -21.56 14.40 -16.74
CA LEU A 144 -20.52 14.85 -17.65
C LEU A 144 -20.96 14.86 -19.11
N GLY A 145 -22.08 14.20 -19.40
CA GLY A 145 -22.61 14.17 -20.76
C GLY A 145 -22.36 12.89 -21.54
N TRP A 146 -23.29 12.59 -22.45
CA TRP A 146 -23.24 11.39 -23.29
C TRP A 146 -22.50 11.68 -24.59
N PRO A 147 -21.81 10.67 -25.15
CA PRO A 147 -21.69 9.29 -24.66
C PRO A 147 -20.59 9.14 -23.61
N ILE A 148 -20.50 7.95 -23.02
CA ILE A 148 -19.57 7.73 -21.92
C ILE A 148 -18.69 6.49 -22.09
N ILE A 149 -17.58 6.46 -21.36
CA ILE A 149 -16.72 5.28 -21.28
C ILE A 149 -16.81 4.66 -19.89
N VAL A 150 -17.24 3.41 -19.82
CA VAL A 150 -17.29 2.71 -18.55
C VAL A 150 -16.29 1.54 -18.57
N LYS A 151 -15.30 1.61 -17.70
CA LYS A 151 -14.27 0.59 -17.61
C LYS A 151 -13.86 0.35 -16.16
N PRO A 152 -13.35 -0.85 -15.86
CA PRO A 152 -12.87 -1.17 -14.51
C PRO A 152 -11.76 -0.24 -14.06
N ALA A 153 -11.74 0.08 -12.77
CA ALA A 153 -10.73 0.98 -12.23
C ALA A 153 -9.37 0.28 -12.13
N LEU A 154 -9.39 -1.04 -12.05
CA LEU A 154 -8.15 -1.80 -11.91
C LEU A 154 -7.82 -2.58 -13.17
N GLY A 155 -6.59 -2.45 -13.64
CA GLY A 155 -6.15 -3.11 -14.86
C GLY A 155 -6.53 -2.29 -16.08
N SER A 156 -6.61 -2.96 -17.22
CA SER A 156 -7.11 -2.36 -18.45
C SER A 156 -8.40 -3.07 -18.83
N GLY A 157 -9.32 -2.35 -19.44
CA GLY A 157 -10.62 -2.89 -19.80
C GLY A 157 -10.67 -3.80 -21.01
N ALA A 158 -9.87 -4.86 -21.01
CA ALA A 158 -9.94 -5.83 -22.09
C ALA A 158 -11.22 -6.65 -21.93
N LEU A 159 -12.15 -6.44 -22.87
CA LEU A 159 -13.48 -7.07 -22.87
C LEU A 159 -14.32 -6.63 -21.67
N ASN A 160 -13.87 -5.60 -20.96
CA ASN A 160 -14.66 -4.98 -19.90
C ASN A 160 -14.90 -3.49 -20.12
N THR A 161 -14.56 -3.01 -21.30
CA THR A 161 -14.79 -1.61 -21.65
C THR A 161 -16.00 -1.48 -22.55
N PHE A 162 -16.86 -0.51 -22.24
CA PHE A 162 -18.09 -0.34 -22.99
C PHE A 162 -18.36 1.13 -23.26
N ILE A 163 -18.87 1.41 -24.46
CA ILE A 163 -19.29 2.76 -24.81
C ILE A 163 -20.81 2.85 -24.81
N ILE A 164 -21.34 3.71 -23.96
CA ILE A 164 -22.78 3.85 -23.83
C ILE A 164 -23.21 5.23 -24.32
N HIS A 165 -24.10 5.25 -25.31
CA HIS A 165 -24.47 6.49 -25.98
C HIS A 165 -25.72 7.13 -25.38
N SER A 166 -26.60 6.30 -24.82
CA SER A 166 -27.84 6.80 -24.25
C SER A 166 -28.34 5.93 -23.10
N LEU A 167 -29.44 6.35 -22.49
CA LEU A 167 -30.03 5.63 -21.37
C LEU A 167 -30.67 4.33 -21.84
N ASP A 168 -31.28 4.37 -23.03
CA ASP A 168 -31.97 3.21 -23.55
C ASP A 168 -30.98 2.25 -24.20
N HIS A 169 -29.79 2.75 -24.50
CA HIS A 169 -28.69 1.88 -24.90
C HIS A 169 -28.22 1.09 -23.69
N TYR A 170 -28.09 1.79 -22.56
CA TYR A 170 -27.70 1.17 -21.30
C TYR A 170 -28.71 0.13 -20.81
N GLU A 171 -29.98 0.49 -20.88
CA GLU A 171 -31.04 -0.34 -20.33
C GLU A 171 -31.22 -1.63 -21.13
N ASP A 172 -30.78 -1.61 -22.38
CA ASP A 172 -30.80 -2.81 -23.21
C ASP A 172 -29.50 -3.59 -23.09
N LEU A 173 -28.40 -2.91 -22.79
CA LEU A 173 -27.18 -3.58 -22.39
C LEU A 173 -27.42 -4.22 -21.03
N TYR A 174 -28.30 -3.59 -20.26
CA TYR A 174 -28.72 -4.09 -18.96
C TYR A 174 -29.63 -5.30 -19.17
N SER A 175 -30.44 -5.22 -20.22
CA SER A 175 -31.42 -6.27 -20.50
C SER A 175 -30.82 -7.45 -21.26
N THR A 176 -29.82 -7.20 -22.09
CA THR A 176 -29.18 -8.28 -22.83
C THR A 176 -28.19 -9.04 -21.95
N SER A 177 -27.96 -10.31 -22.27
CA SER A 177 -27.03 -11.14 -21.52
C SER A 177 -25.83 -11.56 -22.37
N GLY A 178 -24.66 -11.00 -22.10
CA GLY A 178 -24.51 -9.93 -21.13
C GLY A 178 -23.99 -8.68 -21.82
N GLY A 179 -24.87 -7.70 -21.98
CA GLY A 179 -24.53 -6.47 -22.69
C GLY A 179 -23.49 -5.62 -21.97
N LEU A 180 -23.42 -5.77 -20.66
CA LEU A 180 -22.45 -5.01 -19.87
C LEU A 180 -21.29 -5.88 -19.40
N GLY A 181 -21.18 -7.07 -19.99
CA GLY A 181 -20.08 -7.96 -19.66
C GLY A 181 -20.11 -8.39 -18.21
N GLU A 182 -18.95 -8.36 -17.57
CA GLU A 182 -18.83 -8.79 -16.18
C GLU A 182 -19.11 -7.62 -15.22
N LEU A 183 -19.35 -6.45 -15.78
CA LEU A 183 -19.63 -5.26 -14.96
C LEU A 183 -20.98 -5.35 -14.24
N LYS A 184 -21.93 -6.06 -14.84
CA LYS A 184 -23.26 -6.20 -14.24
C LYS A 184 -23.21 -6.89 -12.88
N LYS A 185 -22.20 -7.71 -12.70
CA LYS A 185 -22.00 -8.44 -11.44
C LYS A 185 -21.73 -7.50 -10.26
N ASN A 186 -21.26 -6.30 -10.57
CA ASN A 186 -20.99 -5.27 -9.56
C ASN A 186 -20.05 -5.71 -8.45
N ASN A 187 -19.01 -6.47 -8.82
CA ASN A 187 -18.04 -6.94 -7.85
C ASN A 187 -16.70 -6.23 -8.00
N SER A 188 -16.66 -5.25 -8.90
CA SER A 188 -15.42 -4.52 -9.17
C SER A 188 -15.65 -3.02 -9.30
N LEU A 189 -14.65 -2.25 -8.90
CA LEU A 189 -14.71 -0.79 -8.99
C LEU A 189 -14.64 -0.33 -10.44
N ILE A 191 -14.60 3.24 -13.30
CA ILE A 191 -14.38 4.66 -13.53
C ILE A 191 -15.09 5.06 -14.82
N ALA A 192 -15.60 6.28 -14.89
CA ALA A 192 -16.36 6.70 -16.06
C ALA A 192 -16.03 8.11 -16.52
N GLU A 193 -15.86 8.28 -17.83
CA GLU A 193 -15.68 9.60 -18.42
C GLU A 193 -16.17 9.65 -19.87
N LYS A 194 -16.57 10.85 -20.29
CA LYS A 194 -17.04 11.13 -21.64
C LYS A 194 -16.00 10.80 -22.70
N CYS A 195 -16.43 10.15 -23.78
CA CYS A 195 -15.51 9.75 -24.83
C CYS A 195 -14.87 10.96 -25.49
N ILE A 196 -13.68 11.30 -25.01
CA ILE A 196 -12.89 12.38 -25.57
C ILE A 196 -11.66 11.79 -26.22
N GLU A 197 -11.64 11.77 -27.55
CA GLU A 197 -10.46 11.30 -28.25
C GLU A 197 -9.90 12.30 -29.24
N GLU A 199 -5.52 13.56 -30.55
CA GLU A 199 -4.20 13.00 -30.85
C GLU A 199 -3.64 12.33 -29.60
N GLU A 200 -3.12 11.12 -29.76
CA GLU A 200 -2.56 10.41 -28.62
C GLU A 200 -1.09 10.06 -28.83
N PHE A 201 -0.33 10.18 -27.75
CA PHE A 201 1.09 9.83 -27.74
C PHE A 201 1.33 8.79 -26.64
N HIS A 202 2.48 8.13 -26.67
CA HIS A 202 2.86 7.23 -25.59
C HIS A 202 4.37 7.27 -25.33
N CYS A 203 4.74 7.37 -24.05
CA CYS A 203 6.13 7.47 -23.64
C CYS A 203 6.57 6.21 -22.91
N ASP A 204 7.51 5.46 -23.51
CA ASP A 204 8.01 4.24 -22.91
C ASP A 204 9.39 4.44 -22.28
N THR A 205 9.48 4.20 -20.98
CA THR A 205 10.72 4.47 -20.24
C THR A 205 11.27 3.27 -19.48
N LEU A 206 12.54 3.35 -19.11
CA LEU A 206 13.19 2.36 -18.26
C LEU A 206 13.94 3.07 -17.14
N TYR A 207 13.52 2.83 -15.89
CA TYR A 207 14.09 3.53 -14.75
C TYR A 207 15.05 2.65 -13.93
N ALA A 208 15.98 3.32 -13.27
CA ALA A 208 16.89 2.66 -12.34
C ALA A 208 17.47 3.70 -11.37
N ASP A 209 17.27 3.47 -10.08
CA ASP A 209 17.70 4.40 -9.04
C ASP A 209 17.14 5.80 -9.27
N GLY A 210 15.89 5.87 -9.72
CA GLY A 210 15.22 7.14 -9.92
C GLY A 210 15.60 7.87 -11.19
N GLU A 211 16.57 7.33 -11.92
CA GLU A 211 17.04 7.97 -13.15
C GLU A 211 16.59 7.21 -14.39
N ILE A 212 16.34 7.96 -15.47
CA ILE A 212 15.94 7.37 -16.74
C ILE A 212 17.13 6.80 -17.49
N LEU A 213 17.14 5.49 -17.69
CA LEU A 213 18.19 4.84 -18.47
C LEU A 213 17.86 4.90 -19.95
N PHE A 214 16.57 4.84 -20.26
CA PHE A 214 16.11 4.88 -21.64
C PHE A 214 14.72 5.51 -21.74
N VAL A 215 14.51 6.28 -22.79
CA VAL A 215 13.21 6.89 -23.04
C VAL A 215 12.91 6.98 -24.53
N SER A 216 11.70 6.59 -24.92
CA SER A 216 11.27 6.70 -26.30
C SER A 216 9.86 7.27 -26.35
N ILE A 217 9.69 8.36 -27.11
CA ILE A 217 8.38 8.99 -27.23
C ILE A 217 7.84 8.79 -28.64
N SER A 218 6.63 8.23 -28.72
CA SER A 218 6.02 7.94 -30.01
C SER A 218 4.64 8.60 -30.12
N LYS A 219 4.01 8.41 -31.27
CA LYS A 219 2.70 8.97 -31.55
C LYS A 219 1.85 7.94 -32.27
N TYR A 220 0.65 7.68 -31.77
CA TYR A 220 -0.22 6.73 -32.44
C TYR A 220 -0.66 7.31 -33.78
N THR A 221 -0.95 6.44 -34.74
CA THR A 221 -1.46 6.88 -36.04
C THR A 221 -2.85 7.50 -35.90
N ILE A 231 -7.61 -0.85 -38.31
CA ILE A 231 -6.16 -0.95 -38.44
C ILE A 231 -5.46 0.22 -37.72
N GLN A 232 -4.47 -0.12 -36.91
CA GLN A 232 -3.86 0.84 -35.99
C GLN A 232 -2.35 0.89 -36.12
N GLY A 233 -1.71 1.83 -35.41
CA GLY A 233 -0.27 1.81 -35.26
C GLY A 233 0.33 3.07 -34.66
N SER A 234 1.65 3.08 -34.51
CA SER A 234 2.38 4.22 -33.94
C SER A 234 3.77 4.32 -34.54
N PHE A 235 4.42 5.47 -34.34
CA PHE A 235 5.80 5.66 -34.81
C PHE A 235 6.60 6.54 -33.85
N ILE A 236 7.88 6.22 -33.68
CA ILE A 236 8.73 6.90 -32.72
C ILE A 236 9.12 8.30 -33.18
N LEU A 237 8.98 9.27 -32.27
CA LEU A 237 9.29 10.66 -32.56
C LEU A 237 10.78 10.95 -32.37
N SER A 238 11.22 12.12 -32.81
CA SER A 238 12.60 12.53 -32.64
C SER A 238 12.76 13.37 -31.37
N GLN A 239 13.98 13.43 -30.84
CA GLN A 239 14.25 14.24 -29.67
C GLN A 239 14.17 15.72 -29.99
N ASN A 240 14.31 16.06 -31.27
CA ASN A 240 14.26 17.45 -31.70
C ASN A 240 12.84 17.90 -32.02
N ASP A 241 11.89 16.95 -31.94
CA ASP A 241 10.48 17.26 -32.15
C ASP A 241 9.99 18.22 -31.06
N PRO A 242 9.24 19.25 -31.46
CA PRO A 242 8.74 20.29 -30.54
C PRO A 242 7.97 19.72 -29.35
N VAL A 243 7.22 18.65 -29.55
CA VAL A 243 6.38 18.09 -28.49
C VAL A 243 7.15 17.10 -27.62
N TYR A 244 8.34 16.71 -28.07
CA TYR A 244 9.17 15.75 -27.34
C TYR A 244 9.52 16.27 -25.95
N ALA A 245 9.91 17.54 -25.90
CA ALA A 245 10.33 18.16 -24.64
C ALA A 245 9.17 18.33 -23.67
N GLU A 246 7.97 18.51 -24.21
CA GLU A 246 6.80 18.73 -23.37
C GLU A 246 6.29 17.43 -22.75
N ILE A 247 6.32 16.36 -23.54
CA ILE A 247 5.93 15.04 -23.05
C ILE A 247 6.94 14.50 -22.06
N LEU A 248 8.22 14.74 -22.34
CA LEU A 248 9.30 14.26 -21.48
C LEU A 248 9.24 14.88 -20.09
N GLU A 249 8.89 16.16 -20.02
CA GLU A 249 8.79 16.83 -18.73
C GLU A 249 7.52 16.39 -18.00
N LEU A 250 6.51 15.98 -18.76
CA LEU A 250 5.29 15.43 -18.17
C LEU A 250 5.61 14.07 -17.58
N GLN A 251 6.47 13.32 -18.28
CA GLN A 251 6.96 12.04 -17.79
C GLN A 251 7.74 12.25 -16.49
N LYS A 252 8.52 13.32 -16.43
CA LYS A 252 9.27 13.67 -15.25
C LYS A 252 8.35 13.96 -14.06
N SER A 253 7.25 14.66 -14.33
CA SER A 253 6.30 15.04 -13.29
C SER A 253 5.58 13.82 -12.72
N VAL A 254 5.13 12.94 -13.60
CA VAL A 254 4.44 11.72 -13.20
C VAL A 254 5.37 10.81 -12.41
N ALA A 255 6.63 10.72 -12.85
CA ALA A 255 7.61 9.88 -12.18
C ALA A 255 7.90 10.36 -10.77
N GLN A 256 7.97 11.67 -10.59
CA GLN A 256 8.22 12.25 -9.28
C GLN A 256 7.02 12.06 -8.36
N ALA A 257 5.82 12.23 -8.93
CA ALA A 257 4.58 12.10 -8.17
C ALA A 257 4.33 10.67 -7.73
N PHE A 258 4.62 9.71 -8.61
CA PHE A 258 4.38 8.31 -8.32
C PHE A 258 5.60 7.66 -7.67
N ARG A 259 6.65 8.45 -7.48
CA ARG A 259 7.91 7.98 -6.90
C ARG A 259 8.48 6.79 -7.66
N ILE A 260 8.64 6.94 -8.97
CA ILE A 260 9.22 5.88 -9.78
C ILE A 260 10.73 5.82 -9.58
N THR A 261 11.25 4.63 -9.28
CA THR A 261 12.67 4.46 -9.05
C THR A 261 13.27 3.43 -10.01
N ASP A 262 12.57 2.32 -10.20
CA ASP A 262 13.06 1.23 -11.03
C ASP A 262 11.95 0.58 -11.84
N GLY A 263 12.30 0.09 -13.03
CA GLY A 263 11.37 -0.70 -13.83
C GLY A 263 10.89 -0.01 -15.10
N PRO A 264 10.08 -0.73 -15.89
CA PRO A 264 9.51 -0.23 -17.14
C PRO A 264 8.34 0.72 -16.91
N GLY A 265 8.04 1.54 -17.90
CA GLY A 265 6.91 2.45 -17.81
C GLY A 265 6.26 2.71 -19.16
N HIS A 266 4.94 2.77 -19.18
CA HIS A 266 4.19 3.06 -20.39
C HIS A 266 3.14 4.14 -20.13
N LEU A 267 3.45 5.37 -20.52
CA LEU A 267 2.58 6.51 -20.23
C LEU A 267 1.92 7.05 -21.50
N GLU A 268 0.60 7.05 -21.50
CA GLU A 268 -0.16 7.55 -22.65
C GLU A 268 -0.56 9.01 -22.47
N ILE A 269 -0.20 9.84 -23.44
CA ILE A 269 -0.50 11.27 -23.37
C ILE A 269 -1.48 11.68 -24.47
N TYR A 270 -2.43 12.54 -24.11
CA TYR A 270 -3.40 13.07 -25.07
C TYR A 270 -3.17 14.56 -25.31
N ARG A 271 -3.41 15.01 -26.53
CA ARG A 271 -3.34 16.44 -26.83
C ARG A 271 -4.72 16.95 -27.23
N THR A 272 -5.24 17.92 -26.48
CA THR A 272 -6.57 18.45 -26.77
C THR A 272 -6.55 19.27 -28.05
N HIS A 273 -7.74 19.59 -28.56
CA HIS A 273 -7.85 20.46 -29.73
C HIS A 273 -7.30 21.83 -29.36
N SER A 274 -7.51 22.21 -28.10
CA SER A 274 -6.89 23.40 -27.52
C SER A 274 -5.37 23.32 -27.58
N GLY A 275 -4.83 22.11 -27.56
CA GLY A 275 -3.41 21.87 -27.55
C GLY A 275 -2.83 21.55 -26.18
N GLU A 276 -3.72 21.48 -25.19
CA GLU A 276 -3.34 21.06 -23.84
C GLU A 276 -2.92 19.59 -23.81
N LEU A 277 -1.87 19.30 -23.05
CA LEU A 277 -1.43 17.91 -22.87
C LEU A 277 -1.95 17.35 -21.55
N ILE A 278 -2.80 16.33 -21.64
CA ILE A 278 -3.32 15.67 -20.45
C ILE A 278 -2.82 14.23 -20.37
N VAL A 279 -2.75 13.71 -19.15
CA VAL A 279 -2.30 12.34 -18.93
C VAL A 279 -3.47 11.36 -18.97
N GLY A 280 -3.39 10.39 -19.88
CA GLY A 280 -4.42 9.38 -19.97
C GLY A 280 -4.20 8.27 -18.96
N GLU A 281 -3.30 7.35 -19.26
CA GLU A 281 -3.04 6.19 -18.41
C GLU A 281 -1.56 5.84 -18.38
N ILE A 282 -1.11 5.31 -17.25
CA ILE A 282 0.26 4.82 -17.13
C ILE A 282 0.28 3.38 -16.63
N ALA A 283 1.35 2.66 -16.95
CA ALA A 283 1.48 1.26 -16.53
C ALA A 283 2.95 0.89 -16.35
N ARG A 285 4.27 -1.67 -17.43
CA ARG A 285 4.45 -2.70 -18.45
C ARG A 285 5.42 -2.27 -19.53
N ILE A 286 5.81 -3.23 -20.36
CA ILE A 286 6.53 -2.95 -21.59
C ILE A 286 5.48 -2.82 -22.68
N GLY A 287 5.68 -1.88 -23.60
CA GLY A 287 4.65 -1.54 -24.58
C GLY A 287 4.12 -2.74 -25.34
N GLY A 288 2.80 -2.83 -25.40
CA GLY A 288 2.13 -3.99 -25.97
C GLY A 288 2.13 -3.99 -27.49
N GLY A 289 1.97 -5.19 -28.06
CA GLY A 289 2.00 -5.34 -29.50
C GLY A 289 3.34 -5.00 -30.10
N GLY A 290 3.32 -4.18 -31.15
CA GLY A 290 4.53 -3.86 -31.88
C GLY A 290 5.41 -2.85 -31.20
N ILE A 291 4.92 -2.25 -30.12
CA ILE A 291 5.63 -1.16 -29.44
C ILE A 291 6.99 -1.61 -28.94
N SER A 292 7.04 -2.79 -28.33
CA SER A 292 8.28 -3.33 -27.81
C SER A 292 9.27 -3.61 -28.95
N ARG A 293 8.76 -4.14 -30.05
CA ARG A 293 9.59 -4.51 -31.18
C ARG A 293 9.93 -3.31 -32.06
N ILE A 295 10.62 -0.41 -30.78
CA ILE A 295 11.73 0.19 -30.05
C ILE A 295 13.02 -0.59 -30.25
N GLU A 296 12.91 -1.91 -30.31
CA GLU A 296 14.08 -2.77 -30.45
C GLU A 296 14.75 -2.61 -31.82
N LYS A 297 13.96 -2.28 -32.83
CA LYS A 297 14.52 -2.04 -34.16
C LYS A 297 15.13 -0.66 -34.28
N LYS A 298 14.53 0.32 -33.61
CA LYS A 298 14.98 1.69 -33.71
C LYS A 298 16.27 1.93 -32.92
N PHE A 299 16.36 1.35 -31.73
CA PHE A 299 17.47 1.63 -30.84
C PHE A 299 18.41 0.44 -30.65
N ASN A 300 18.04 -0.72 -31.21
CA ASN A 300 18.82 -1.94 -31.08
C ASN A 300 19.12 -2.31 -29.64
N ILE A 301 18.10 -2.19 -28.78
CA ILE A 301 18.20 -2.56 -27.38
C ILE A 301 17.03 -3.45 -26.99
N SER A 302 17.27 -4.34 -26.03
CA SER A 302 16.25 -5.30 -25.62
C SER A 302 15.58 -4.85 -24.32
N LEU A 303 14.33 -4.43 -24.43
CA LEU A 303 13.57 -3.94 -23.29
C LEU A 303 13.38 -5.01 -22.23
N TRP A 304 13.13 -6.24 -22.67
CA TRP A 304 12.95 -7.36 -21.75
C TRP A 304 14.23 -7.71 -21.03
N GLU A 305 15.32 -7.86 -21.79
CA GLU A 305 16.62 -8.21 -21.22
C GLU A 305 17.09 -7.18 -20.21
N SER A 306 16.86 -5.91 -20.51
CA SER A 306 17.32 -4.83 -19.65
C SER A 306 16.47 -4.68 -18.39
N SER A 307 15.14 -4.67 -18.57
CA SER A 307 14.22 -4.50 -17.44
C SER A 307 14.29 -5.65 -16.45
N LEU A 308 14.48 -6.87 -16.96
CA LEU A 308 14.59 -8.04 -16.10
C LEU A 308 15.90 -8.03 -15.31
N ASN A 309 16.94 -7.44 -15.90
CA ASN A 309 18.21 -7.27 -15.20
C ASN A 309 18.07 -6.27 -14.07
N ILE A 310 17.29 -5.22 -14.30
CA ILE A 310 17.02 -4.21 -13.29
C ILE A 310 16.21 -4.82 -12.14
N SER A 311 15.27 -5.69 -12.49
CA SER A 311 14.39 -6.31 -11.51
C SER A 311 15.14 -7.23 -10.54
N VAL A 312 16.28 -7.74 -10.97
CA VAL A 312 17.09 -8.60 -10.13
C VAL A 312 18.40 -7.92 -9.73
N TYR A 313 18.39 -6.60 -9.79
CA TYR A 313 19.53 -5.77 -9.35
C TYR A 313 20.82 -6.13 -10.09
N ARG A 314 20.73 -6.24 -11.41
CA ARG A 314 21.91 -6.45 -12.24
C ARG A 314 22.12 -5.27 -13.16
N ASP A 315 23.35 -5.11 -13.65
CA ASP A 315 23.66 -4.07 -14.61
C ASP A 315 23.00 -4.41 -15.94
N PRO A 316 22.10 -3.55 -16.40
CA PRO A 316 21.42 -3.72 -17.69
C PRO A 316 22.37 -3.44 -18.84
N ASN A 317 22.34 -4.27 -19.87
CA ASN A 317 23.20 -4.03 -21.02
C ASN A 317 22.47 -3.18 -22.03
N LEU A 318 22.28 -1.91 -21.66
CA LEU A 318 21.65 -0.93 -22.54
C LEU A 318 22.68 -0.21 -23.41
N THR A 319 23.07 -0.82 -24.52
CA THR A 319 23.95 -0.14 -25.46
C THR A 319 23.10 0.36 -26.62
N VAL A 320 22.75 1.64 -26.57
CA VAL A 320 21.85 2.21 -27.57
C VAL A 320 22.58 2.50 -28.88
N ASN A 321 22.22 1.75 -29.92
CA ASN A 321 22.70 2.05 -31.27
C ASN A 321 21.54 2.34 -32.20
N PRO A 322 21.12 3.62 -32.26
CA PRO A 322 19.95 4.03 -33.03
C PRO A 322 20.20 4.05 -34.54
N ILE A 323 19.30 3.44 -35.30
CA ILE A 323 19.34 3.55 -36.76
C ILE A 323 18.65 4.84 -37.20
N GLU A 324 19.01 5.33 -38.38
CA GLU A 324 18.49 6.61 -38.85
C GLU A 324 17.13 6.46 -39.52
N GLY A 325 16.30 7.49 -39.38
CA GLY A 325 14.99 7.49 -40.01
C GLY A 325 13.84 7.33 -39.02
N THR A 326 12.63 7.54 -39.52
CA THR A 326 11.43 7.41 -38.68
C THR A 326 10.91 5.98 -38.67
N VAL A 327 11.05 5.33 -37.52
CA VAL A 327 10.65 3.94 -37.37
C VAL A 327 9.31 3.83 -36.64
N GLY A 328 8.47 2.90 -37.07
CA GLY A 328 7.18 2.67 -36.43
C GLY A 328 6.61 1.34 -36.88
N TYR A 329 5.32 1.12 -36.59
CA TYR A 329 4.69 -0.12 -36.99
C TYR A 329 3.19 0.05 -37.25
N PHE A 330 2.64 -0.88 -38.04
CA PHE A 330 1.20 -0.94 -38.26
C PHE A 330 0.70 -2.31 -37.83
N SER A 331 -0.47 -2.34 -37.20
CA SER A 331 -1.07 -3.61 -36.82
C SER A 331 -2.31 -3.88 -37.63
N LEU A 332 -2.57 -5.16 -37.92
CA LEU A 332 -3.69 -5.55 -38.75
C LEU A 332 -4.68 -6.36 -37.93
N PRO A 333 -5.96 -5.94 -37.95
CA PRO A 333 -7.00 -6.61 -37.16
C PRO A 333 -7.18 -8.08 -37.53
N CYS A 334 -7.63 -8.89 -36.58
CA CYS A 334 -7.84 -10.31 -36.83
C CYS A 334 -9.21 -10.75 -36.32
N ARG A 335 -10.10 -11.06 -37.26
CA ARG A 335 -11.45 -11.52 -36.94
C ARG A 335 -11.43 -13.03 -36.66
N ASN A 336 -12.28 -13.45 -35.72
CA ASN A 336 -12.34 -14.85 -35.33
C ASN A 336 -12.97 -15.75 -36.40
N GLY A 337 -12.43 -16.96 -36.53
CA GLY A 337 -12.92 -17.92 -37.49
C GLY A 337 -11.81 -18.73 -38.13
N THR A 338 -12.12 -19.34 -39.28
CA THR A 338 -11.16 -20.19 -39.99
C THR A 338 -10.46 -19.43 -41.11
N ILE A 339 -9.23 -19.00 -40.85
CA ILE A 339 -8.46 -18.22 -41.82
C ILE A 339 -8.32 -18.98 -43.14
N LYS A 340 -8.73 -18.32 -44.22
CA LYS A 340 -8.72 -18.92 -45.54
C LYS A 340 -7.63 -18.31 -46.42
N GLU A 341 -7.50 -16.99 -46.35
CA GLU A 341 -6.50 -16.27 -47.14
C GLU A 341 -6.36 -14.82 -46.67
N PHE A 342 -5.12 -14.35 -46.60
CA PHE A 342 -4.85 -12.94 -46.32
C PHE A 342 -3.76 -12.43 -47.24
N THR A 343 -3.33 -11.19 -47.02
CA THR A 343 -2.29 -10.59 -47.86
C THR A 343 -0.96 -11.32 -47.71
N PRO A 344 -0.41 -11.79 -48.84
CA PRO A 344 0.88 -12.50 -48.85
C PRO A 344 2.04 -11.64 -48.37
N ILE A 345 3.07 -12.28 -47.84
CA ILE A 345 4.24 -11.58 -47.33
C ILE A 345 4.94 -10.79 -48.42
N GLU A 346 5.03 -11.38 -49.60
CA GLU A 346 5.71 -10.76 -50.74
C GLU A 346 5.08 -9.42 -51.09
N GLU A 347 3.76 -9.33 -50.96
CA GLU A 347 3.04 -8.11 -51.29
C GLU A 347 3.37 -6.98 -50.33
N TRP A 348 3.68 -7.33 -49.08
CA TRP A 348 4.07 -6.32 -48.10
C TRP A 348 5.52 -5.87 -48.30
N GLU A 349 6.41 -6.84 -48.47
CA GLU A 349 7.84 -6.55 -48.60
C GLU A 349 8.17 -5.75 -49.87
N LYS A 350 7.28 -5.80 -50.84
CA LYS A 350 7.42 -4.98 -52.05
C LYS A 350 7.43 -3.50 -51.70
N LEU A 351 6.63 -3.13 -50.71
CA LEU A 351 6.49 -1.75 -50.28
C LEU A 351 7.80 -1.24 -49.67
N ALA A 352 8.33 -0.16 -50.24
CA ALA A 352 9.59 0.40 -49.77
C ALA A 352 9.43 1.04 -48.40
N GLY A 353 10.41 0.77 -47.53
CA GLY A 353 10.39 1.33 -46.19
C GLY A 353 10.10 0.29 -45.12
N ILE A 354 9.50 -0.83 -45.52
CA ILE A 354 9.16 -1.90 -44.59
C ILE A 354 10.38 -2.72 -44.21
N LEU A 355 10.54 -2.98 -42.92
CA LEU A 355 11.70 -3.70 -42.39
C LEU A 355 11.39 -5.17 -42.18
N GLU A 356 10.27 -5.45 -41.51
CA GLU A 356 9.88 -6.80 -41.20
C GLU A 356 8.37 -6.96 -41.20
N VAL A 357 7.91 -8.15 -41.61
CA VAL A 357 6.50 -8.51 -41.53
C VAL A 357 6.35 -9.67 -40.56
N GLU A 358 5.59 -9.44 -39.49
CA GLU A 358 5.44 -10.44 -38.43
C GLU A 358 4.03 -11.02 -38.37
N LEU A 359 3.87 -12.25 -38.86
CA LEU A 359 2.57 -12.92 -38.79
C LEU A 359 2.38 -13.59 -37.45
N LEU A 360 1.14 -13.58 -36.97
CA LEU A 360 0.80 -14.24 -35.71
C LEU A 360 -0.01 -15.50 -35.99
N TYR A 361 -0.47 -15.62 -37.24
CA TYR A 361 -1.27 -16.77 -37.68
C TYR A 361 -0.88 -17.18 -39.08
N GLN A 362 -1.24 -18.41 -39.43
CA GLN A 362 -0.93 -18.94 -40.75
C GLN A 362 -2.18 -19.34 -41.53
N GLU A 363 -2.00 -19.55 -42.83
CA GLU A 363 -3.05 -20.04 -43.69
C GLU A 363 -3.69 -21.33 -43.18
N GLY A 364 -4.97 -21.26 -42.83
CA GLY A 364 -5.71 -22.43 -42.40
C GLY A 364 -5.80 -22.59 -40.91
N ASP A 365 -5.98 -21.49 -40.19
CA ASP A 365 -6.08 -21.55 -38.73
C ASP A 365 -7.47 -21.17 -38.23
N VAL A 366 -7.87 -21.78 -37.13
CA VAL A 366 -9.10 -21.42 -36.44
C VAL A 366 -8.77 -20.49 -35.28
N VAL A 367 -9.34 -19.29 -35.29
CA VAL A 367 -9.01 -18.30 -34.27
C VAL A 367 -10.23 -17.92 -33.43
N ASP A 376 -4.17 -8.69 -33.00
CA ASP A 376 -3.69 -8.38 -34.33
C ASP A 376 -3.39 -9.65 -35.14
N LEU A 377 -3.54 -9.54 -36.46
CA LEU A 377 -3.24 -10.66 -37.35
C LEU A 377 -1.76 -10.64 -37.68
N ALA A 378 -1.27 -9.47 -38.06
CA ALA A 378 0.14 -9.30 -38.38
C ALA A 378 0.58 -7.88 -38.03
N ARG A 379 1.89 -7.68 -37.93
CA ARG A 379 2.44 -6.37 -37.66
C ARG A 379 3.50 -5.99 -38.68
N LEU A 380 3.37 -4.78 -39.23
CA LEU A 380 4.28 -4.31 -40.26
C LEU A 380 5.19 -3.22 -39.72
N TYR A 381 6.45 -3.57 -39.52
CA TYR A 381 7.43 -2.63 -39.00
C TYR A 381 8.12 -1.92 -40.16
N PHE A 382 8.16 -0.59 -40.09
CA PHE A 382 8.72 0.17 -41.19
C PHE A 382 9.84 1.09 -40.74
N CYS A 383 10.57 1.63 -41.71
CA CYS A 383 11.61 2.61 -41.46
C CYS A 383 11.61 3.63 -42.59
N LEU A 384 11.07 4.80 -42.31
CA LEU A 384 10.98 5.84 -43.31
C LEU A 384 11.96 6.96 -42.93
N GLU A 385 12.19 7.87 -43.86
CA GLU A 385 13.14 8.94 -43.64
C GLU A 385 12.46 10.13 -42.97
N ASN A 386 11.19 10.30 -43.27
CA ASN A 386 10.42 11.41 -42.73
C ASN A 386 9.01 10.98 -42.31
N GLU A 387 8.37 11.82 -41.49
CA GLU A 387 7.04 11.52 -40.96
C GLU A 387 5.89 11.65 -41.97
N ASN A 388 6.10 12.45 -43.01
CA ASN A 388 5.09 12.62 -44.07
C ASN A 388 4.74 11.30 -44.75
N GLU A 389 5.76 10.49 -44.98
CA GLU A 389 5.62 9.18 -45.61
C GLU A 389 4.70 8.24 -44.84
N VAL A 390 4.68 8.37 -43.51
CA VAL A 390 3.93 7.45 -42.65
C VAL A 390 2.43 7.48 -42.98
N GLN A 391 1.89 8.67 -43.17
CA GLN A 391 0.47 8.81 -43.49
C GLN A 391 0.20 8.36 -44.92
N HIS A 392 1.24 8.36 -45.74
CA HIS A 392 1.17 7.80 -47.09
C HIS A 392 1.23 6.28 -47.05
N LEU A 393 2.14 5.75 -46.24
CA LEU A 393 2.31 4.32 -46.10
C LEU A 393 1.07 3.67 -45.50
N LEU A 394 0.43 4.38 -44.58
CA LEU A 394 -0.79 3.90 -43.96
C LEU A 394 -1.87 3.68 -45.02
N ALA A 395 -1.93 4.58 -45.99
CA ALA A 395 -2.92 4.46 -47.07
C ALA A 395 -2.68 3.22 -47.94
N LEU A 396 -1.42 2.93 -48.23
CA LEU A 396 -1.07 1.75 -49.03
C LEU A 396 -1.34 0.44 -48.28
N VAL A 397 -1.03 0.44 -46.98
CA VAL A 397 -1.27 -0.72 -46.13
C VAL A 397 -2.78 -0.93 -46.00
N LYS A 398 -3.48 0.16 -45.73
CA LYS A 398 -4.93 0.21 -45.60
C LYS A 398 -5.55 -0.31 -46.89
N GLN A 399 -4.86 -0.04 -48.00
CA GLN A 399 -5.26 -0.44 -49.34
C GLN A 399 -5.17 -1.94 -49.64
N THR A 400 -3.97 -2.49 -49.46
CA THR A 400 -3.67 -3.86 -49.89
C THR A 400 -3.89 -4.92 -48.82
N TYR A 401 -4.55 -4.55 -47.74
CA TYR A 401 -4.82 -5.51 -46.67
C TYR A 401 -6.21 -6.11 -46.82
N TYR A 402 -6.29 -7.42 -46.64
CA TYR A 402 -7.57 -8.12 -46.68
C TYR A 402 -7.49 -9.43 -45.88
N LEU A 403 -8.59 -9.76 -45.22
CA LEU A 403 -8.66 -10.99 -44.44
C LEU A 403 -9.97 -11.71 -44.71
N HIS A 404 -9.90 -12.82 -45.42
CA HIS A 404 -11.09 -13.58 -45.77
C HIS A 404 -11.12 -14.91 -45.03
N LEU A 405 -12.24 -15.18 -44.36
CA LEU A 405 -12.40 -16.40 -43.61
C LEU A 405 -13.82 -16.95 -43.74
N VAL B 2 -22.09 14.44 4.47
CA VAL B 2 -20.73 14.02 4.82
C VAL B 2 -20.72 12.57 5.30
N ARG B 3 -20.38 11.67 4.40
CA ARG B 3 -20.31 10.25 4.72
C ARG B 3 -18.97 9.88 5.37
N ILE B 4 -19.04 9.34 6.58
CA ILE B 4 -17.83 8.97 7.32
C ILE B 4 -17.83 7.49 7.68
N LEU B 5 -16.74 6.80 7.35
CA LEU B 5 -16.58 5.40 7.71
C LEU B 5 -15.74 5.26 8.97
N LEU B 6 -16.35 4.77 10.03
CA LEU B 6 -15.67 4.62 11.31
C LEU B 6 -15.36 3.16 11.61
N ILE B 7 -14.07 2.86 11.75
CA ILE B 7 -13.63 1.52 12.11
C ILE B 7 -13.14 1.47 13.55
N ASN B 8 -14.03 1.14 14.47
CA ASN B 8 -13.72 1.16 15.90
C ASN B 8 -14.19 -0.10 16.60
N SER B 9 -13.58 -0.41 17.74
CA SER B 9 -13.94 -1.59 18.51
C SER B 9 -14.86 -1.22 19.66
N ASP B 10 -14.28 -0.82 20.78
CA ASP B 10 -15.06 -0.44 21.96
C ASP B 10 -14.51 0.82 22.62
N LYS B 11 -13.53 1.44 21.97
CA LYS B 11 -12.99 2.72 22.44
C LYS B 11 -14.10 3.75 22.46
N PRO B 12 -14.43 4.26 23.66
CA PRO B 12 -15.57 5.17 23.84
C PRO B 12 -15.36 6.56 23.24
N GLU B 13 -14.10 7.01 23.15
CA GLU B 13 -13.82 8.37 22.68
C GLU B 13 -14.32 8.65 21.25
N PRO B 14 -13.99 7.79 20.27
CA PRO B 14 -14.55 8.11 18.95
C PRO B 14 -16.06 7.87 18.89
N ILE B 15 -16.58 6.98 19.72
CA ILE B 15 -18.01 6.73 19.78
C ILE B 15 -18.74 7.97 20.28
N GLN B 16 -18.25 8.53 21.38
CA GLN B 16 -18.84 9.72 21.98
C GLN B 16 -18.73 10.92 21.04
N PHE B 17 -17.63 11.01 20.31
CA PHE B 17 -17.37 12.11 19.40
C PHE B 17 -18.39 12.17 18.27
N PHE B 18 -18.56 11.04 17.56
CA PHE B 18 -19.41 11.01 16.38
C PHE B 18 -20.89 10.88 16.72
N GLN B 19 -21.19 10.43 17.93
CA GLN B 19 -22.58 10.37 18.38
C GLN B 19 -23.09 11.78 18.68
N LYS B 20 -22.25 12.58 19.32
CA LYS B 20 -22.58 13.97 19.62
C LYS B 20 -22.53 14.83 18.36
N ASP B 21 -21.67 14.45 17.42
CA ASP B 21 -21.54 15.17 16.17
C ASP B 21 -22.77 14.99 15.31
N LYS B 22 -23.33 13.78 15.35
CA LYS B 22 -24.53 13.46 14.59
C LYS B 22 -25.74 14.18 15.18
N GLU B 23 -25.74 14.36 16.50
CA GLU B 23 -26.83 15.05 17.19
C GLU B 23 -26.88 16.53 16.82
N THR B 24 -25.73 17.09 16.47
CA THR B 24 -25.62 18.51 16.21
C THR B 24 -25.46 18.79 14.72
N ASN B 25 -25.41 17.72 13.93
CA ASN B 25 -25.31 17.86 12.48
C ASN B 25 -25.98 16.67 11.77
N ASP B 26 -27.05 16.96 11.04
CA ASP B 26 -27.80 15.92 10.35
C ASP B 26 -27.15 15.52 9.02
N SER B 27 -26.21 16.33 8.55
CA SER B 27 -25.52 16.03 7.30
C SER B 27 -24.51 14.92 7.53
N ILE B 28 -24.17 14.69 8.80
CA ILE B 28 -23.21 13.67 9.17
C ILE B 28 -23.81 12.28 9.02
N ASN B 29 -23.17 11.47 8.18
CA ASN B 29 -23.58 10.08 8.02
C ASN B 29 -22.49 9.14 8.50
N ILE B 30 -22.82 8.31 9.48
CA ILE B 30 -21.82 7.45 10.11
C ILE B 30 -22.00 5.98 9.73
N SER B 31 -21.03 5.44 9.00
CA SER B 31 -20.98 4.02 8.70
C SER B 31 -19.94 3.37 9.61
N VAL B 32 -20.28 2.23 10.19
CA VAL B 32 -19.41 1.59 11.16
C VAL B 32 -19.02 0.18 10.75
N ILE B 33 -17.72 -0.12 10.83
CA ILE B 33 -17.22 -1.47 10.65
C ILE B 33 -16.66 -2.00 11.96
N THR B 34 -17.28 -3.04 12.50
CA THR B 34 -16.87 -3.58 13.80
C THR B 34 -17.28 -5.03 13.97
N ARG B 35 -16.81 -5.64 15.06
CA ARG B 35 -17.17 -7.02 15.38
C ARG B 35 -18.58 -7.09 15.93
N SER B 36 -19.14 -8.30 15.99
CA SER B 36 -20.51 -8.49 16.43
C SER B 36 -20.70 -8.17 17.90
N CYS B 37 -19.64 -8.33 18.69
CA CYS B 37 -19.71 -8.09 20.13
C CYS B 37 -19.66 -6.60 20.47
N TYR B 38 -19.46 -5.77 19.47
CA TYR B 38 -19.37 -4.33 19.66
C TYR B 38 -20.52 -3.60 18.98
N ALA B 39 -21.36 -4.37 18.28
CA ALA B 39 -22.49 -3.83 17.52
C ALA B 39 -23.47 -2.96 18.33
N PRO B 40 -23.83 -3.37 19.58
CA PRO B 40 -24.77 -2.52 20.32
C PRO B 40 -24.25 -1.10 20.62
N LEU B 41 -22.95 -0.89 20.50
CA LEU B 41 -22.37 0.43 20.75
C LEU B 41 -22.67 1.42 19.64
N TYR B 42 -23.15 0.92 18.49
CA TYR B 42 -23.38 1.75 17.33
C TYR B 42 -24.79 1.63 16.76
N SER B 43 -25.44 0.50 17.05
CA SER B 43 -26.71 0.15 16.44
C SER B 43 -27.82 1.18 16.62
N HIS B 44 -27.79 1.90 17.74
CA HIS B 44 -28.89 2.79 18.09
C HIS B 44 -28.72 4.23 17.61
N TRP B 45 -27.56 4.55 17.05
CA TRP B 45 -27.32 5.92 16.59
C TRP B 45 -26.66 6.01 15.21
N ALA B 46 -25.82 5.04 14.88
CA ALA B 46 -25.12 5.04 13.60
C ALA B 46 -26.07 4.71 12.44
N ASP B 47 -25.82 5.30 11.28
CA ASP B 47 -26.66 5.09 10.11
C ASP B 47 -26.51 3.67 9.55
N HIS B 48 -25.28 3.18 9.51
CA HIS B 48 -25.00 1.85 8.99
C HIS B 48 -23.97 1.12 9.84
N VAL B 49 -24.28 -0.12 10.19
CA VAL B 49 -23.35 -0.95 10.95
C VAL B 49 -23.05 -2.25 10.21
N TYR B 50 -21.80 -2.44 9.84
CA TYR B 50 -21.38 -3.64 9.11
C TYR B 50 -20.53 -4.55 10.00
N ILE B 51 -20.99 -5.79 10.18
CA ILE B 51 -20.32 -6.74 11.05
C ILE B 51 -19.20 -7.46 10.30
N VAL B 52 -18.00 -7.45 10.88
CA VAL B 52 -16.82 -8.05 10.26
C VAL B 52 -16.01 -8.86 11.28
N ASP B 53 -15.67 -10.09 10.92
CA ASP B 53 -14.93 -10.98 11.83
C ASP B 53 -13.44 -10.65 11.87
N ASP B 54 -12.89 -10.21 10.73
CA ASP B 54 -11.47 -9.89 10.64
C ASP B 54 -11.23 -8.64 9.82
N VAL B 55 -10.85 -7.56 10.48
CA VAL B 55 -10.65 -6.28 9.81
C VAL B 55 -9.30 -6.26 9.06
N THR B 56 -8.41 -7.18 9.42
CA THR B 56 -7.10 -7.25 8.80
C THR B 56 -7.16 -7.84 7.40
N ASP B 57 -8.17 -8.66 7.14
CA ASP B 57 -8.35 -9.30 5.85
C ASP B 57 -8.66 -8.27 4.77
N LEU B 58 -7.62 -7.85 4.05
CA LEU B 58 -7.74 -6.77 3.07
C LEU B 58 -8.67 -7.10 1.91
N THR B 59 -8.71 -8.37 1.50
CA THR B 59 -9.54 -8.77 0.38
C THR B 59 -11.03 -8.61 0.67
N VAL B 60 -11.48 -9.11 1.81
CA VAL B 60 -12.88 -9.01 2.19
C VAL B 60 -13.27 -7.57 2.56
N LYS B 62 -11.97 -4.91 0.99
CA LYS B 62 -12.11 -4.27 -0.32
C LYS B 62 -13.50 -4.58 -0.88
N SER B 63 -13.91 -5.83 -0.75
CA SER B 63 -15.21 -6.28 -1.23
C SER B 63 -16.33 -5.59 -0.46
N LEU B 64 -16.14 -5.45 0.85
CA LEU B 64 -17.14 -4.79 1.69
C LEU B 64 -17.21 -3.30 1.38
N LEU B 66 -16.71 -1.82 -1.38
CA LEU B 66 -17.47 -1.66 -2.62
C LEU B 66 -18.96 -1.63 -2.34
N GLU B 67 -19.42 -2.51 -1.45
CA GLU B 67 -20.83 -2.57 -1.07
C GLU B 67 -21.24 -1.29 -0.34
N ILE B 68 -20.33 -0.77 0.48
CA ILE B 68 -20.58 0.47 1.22
C ILE B 68 -20.70 1.65 0.26
N LEU B 69 -19.83 1.68 -0.76
CA LEU B 69 -19.84 2.74 -1.75
C LEU B 69 -21.12 2.77 -2.57
N LYS B 70 -21.75 1.61 -2.72
CA LYS B 70 -23.03 1.51 -3.41
C LYS B 70 -24.10 2.33 -2.70
N VAL B 71 -24.04 2.34 -1.38
CA VAL B 71 -24.94 3.14 -0.57
C VAL B 71 -24.63 4.63 -0.78
N GLY B 72 -23.35 4.93 -0.92
CA GLY B 72 -22.89 6.29 -1.15
C GLY B 72 -21.39 6.40 -0.98
N PRO B 73 -20.78 7.42 -1.60
CA PRO B 73 -19.33 7.62 -1.52
C PRO B 73 -18.88 7.93 -0.09
N ILE B 74 -17.59 7.76 0.19
CA ILE B 74 -17.06 8.04 1.52
C ILE B 74 -16.12 9.24 1.48
N ASP B 75 -16.33 10.18 2.40
CA ASP B 75 -15.49 11.37 2.47
C ASP B 75 -14.30 11.18 3.40
N HIS B 76 -14.50 10.43 4.48
CA HIS B 76 -13.43 10.20 5.46
C HIS B 76 -13.49 8.80 6.05
N ILE B 77 -12.31 8.21 6.27
CA ILE B 77 -12.20 6.93 6.97
C ILE B 77 -11.47 7.12 8.29
N VAL B 78 -12.14 6.80 9.39
CA VAL B 78 -11.57 6.97 10.72
C VAL B 78 -11.20 5.61 11.33
N SER B 79 -9.90 5.37 11.47
CA SER B 79 -9.40 4.13 12.05
C SER B 79 -8.80 4.38 13.43
N THR B 80 -9.52 3.96 14.48
CA THR B 80 -9.10 4.24 15.84
C THR B 80 -8.54 3.02 16.56
N THR B 81 -8.63 1.86 15.92
CA THR B 81 -8.06 0.63 16.50
C THR B 81 -6.78 0.24 15.77
N GLU B 82 -5.97 -0.59 16.42
CA GLU B 82 -4.67 -0.97 15.87
C GLU B 82 -4.81 -1.83 14.63
N LYS B 83 -5.80 -2.72 14.64
CA LYS B 83 -6.02 -3.63 13.50
C LYS B 83 -6.60 -2.90 12.30
N SER B 84 -7.05 -1.67 12.50
CA SER B 84 -7.72 -0.92 11.45
C SER B 84 -6.78 0.05 10.74
N ILE B 85 -5.59 0.24 11.30
CA ILE B 85 -4.63 1.20 10.75
C ILE B 85 -4.20 0.83 9.33
N LEU B 86 -3.70 -0.38 9.17
CA LEU B 86 -3.25 -0.84 7.85
C LEU B 86 -4.42 -0.98 6.88
N THR B 87 -5.54 -1.50 7.39
CA THR B 87 -6.74 -1.65 6.57
C THR B 87 -7.27 -0.29 6.12
N GLY B 88 -7.28 0.67 7.03
CA GLY B 88 -7.72 2.01 6.73
C GLY B 88 -6.86 2.67 5.66
N GLY B 89 -5.55 2.50 5.79
CA GLY B 89 -4.60 3.05 4.84
C GLY B 89 -4.77 2.43 3.47
N PHE B 90 -5.05 1.12 3.45
CA PHE B 90 -5.28 0.40 2.20
C PHE B 90 -6.52 0.93 1.49
N LEU B 91 -7.60 1.13 2.25
CA LEU B 91 -8.87 1.58 1.69
C LEU B 91 -8.78 3.01 1.17
N ARG B 92 -8.06 3.86 1.89
CA ARG B 92 -7.90 5.26 1.47
C ARG B 92 -7.14 5.36 0.16
N SER B 93 -6.04 4.65 0.07
CA SER B 93 -5.19 4.67 -1.12
C SER B 93 -5.92 4.06 -2.32
N TYR B 94 -6.58 2.92 -2.09
CA TYR B 94 -7.23 2.17 -3.16
C TYR B 94 -8.46 2.89 -3.71
N PHE B 95 -9.14 3.64 -2.86
CA PHE B 95 -10.40 4.26 -3.25
C PHE B 95 -10.34 5.78 -3.30
N GLY B 96 -9.13 6.32 -3.36
CA GLY B 96 -8.93 7.75 -3.56
C GLY B 96 -9.49 8.64 -2.48
N ILE B 97 -9.38 8.21 -1.23
CA ILE B 97 -9.87 8.99 -0.10
C ILE B 97 -8.72 9.66 0.65
N ALA B 98 -8.88 10.95 0.93
CA ALA B 98 -7.84 11.73 1.60
C ALA B 98 -7.54 11.18 2.99
N GLY B 99 -6.27 11.24 3.38
CA GLY B 99 -5.83 10.72 4.65
C GLY B 99 -4.56 9.90 4.51
N PRO B 100 -4.08 9.32 5.63
CA PRO B 100 -2.87 8.49 5.65
C PRO B 100 -2.98 7.28 4.72
N GLY B 101 -1.99 7.10 3.86
CA GLY B 101 -2.00 6.05 2.87
C GLY B 101 -1.55 4.69 3.37
N PHE B 102 -1.40 3.74 2.45
CA PHE B 102 -1.02 2.37 2.80
C PHE B 102 0.38 2.28 3.39
N GLU B 103 1.38 2.74 2.62
CA GLU B 103 2.78 2.63 3.04
C GLU B 103 3.02 3.35 4.37
N THR B 104 2.43 4.54 4.50
CA THR B 104 2.54 5.31 5.72
C THR B 104 1.97 4.54 6.91
N ALA B 105 0.80 3.94 6.70
CA ALA B 105 0.17 3.12 7.73
C ALA B 105 0.91 1.80 7.93
N LEU B 106 1.53 1.31 6.87
CA LEU B 106 2.27 0.06 6.92
C LEU B 106 3.51 0.18 7.81
N TYR B 107 4.14 1.35 7.77
CA TYR B 107 5.34 1.59 8.56
C TYR B 107 5.02 1.72 10.05
N THR B 109 2.62 -0.23 11.45
CA THR B 109 1.96 -1.48 11.80
C THR B 109 2.95 -2.63 11.62
N ASN B 110 3.43 -2.80 10.40
CA ASN B 110 4.40 -3.85 10.11
C ASN B 110 5.80 -3.43 10.55
N LYS B 111 6.27 -4.05 11.64
CA LYS B 111 7.59 -3.75 12.17
C LYS B 111 8.71 -4.10 11.20
N LEU B 112 8.47 -5.12 10.37
CA LEU B 112 9.45 -5.52 9.37
C LEU B 112 9.66 -4.42 8.33
N ALA B 113 8.56 -3.87 7.85
CA ALA B 113 8.62 -2.80 6.85
C ALA B 113 9.11 -1.51 7.50
N LYS B 115 11.24 -1.36 10.20
CA LYS B 115 12.66 -1.53 10.44
C LYS B 115 13.47 -1.47 9.15
N THR B 116 12.86 -1.89 8.04
CA THR B 116 13.53 -1.91 6.75
C THR B 116 13.67 -0.49 6.19
N LYS B 117 12.61 0.30 6.34
CA LYS B 117 12.60 1.66 5.84
C LYS B 117 13.57 2.55 6.62
N LEU B 118 13.59 2.35 7.94
CA LEU B 118 14.45 3.13 8.82
C LEU B 118 15.93 2.84 8.55
N LYS B 119 16.25 1.59 8.24
CA LYS B 119 17.62 1.19 7.96
C LYS B 119 18.12 1.79 6.66
N GLU B 121 17.27 4.60 5.46
CA GLU B 121 17.37 6.04 5.58
C GLU B 121 18.57 6.47 6.43
N GLY B 122 18.97 5.62 7.37
CA GLY B 122 20.10 5.93 8.23
C GLY B 122 19.71 6.05 9.68
N ILE B 123 18.42 5.89 9.95
CA ILE B 123 17.89 5.99 11.31
C ILE B 123 18.20 4.73 12.12
N PRO B 124 18.91 4.90 13.25
CA PRO B 124 19.37 3.78 14.08
C PRO B 124 18.23 2.95 14.65
N VAL B 125 18.35 1.62 14.53
CA VAL B 125 17.33 0.69 14.98
C VAL B 125 18.00 -0.57 15.54
N ALA B 126 17.39 -1.16 16.56
CA ALA B 126 17.90 -2.42 17.13
C ALA B 126 17.89 -3.52 16.08
N ASP B 127 18.85 -4.44 16.17
CA ASP B 127 18.96 -5.54 15.22
C ASP B 127 17.74 -6.46 15.30
N PHE B 128 17.48 -7.23 14.25
CA PHE B 128 16.31 -8.11 14.23
C PHE B 128 16.42 -9.24 13.20
N LEU B 129 15.63 -10.29 13.39
CA LEU B 129 15.51 -11.36 12.40
C LEU B 129 14.06 -11.63 12.03
N CYS B 130 13.84 -11.93 10.76
CA CYS B 130 12.53 -12.36 10.29
C CYS B 130 12.29 -13.81 10.69
N VAL B 131 11.18 -14.06 11.36
CA VAL B 131 10.85 -15.40 11.83
C VAL B 131 9.55 -15.87 11.16
N SER B 132 9.67 -16.90 10.32
CA SER B 132 8.53 -17.41 9.58
C SER B 132 7.92 -18.64 10.25
N GLN B 133 8.63 -19.19 11.23
CA GLN B 133 8.19 -20.39 11.92
C GLN B 133 8.66 -20.38 13.37
N VAL B 134 7.83 -20.90 14.27
CA VAL B 134 8.23 -21.01 15.67
C VAL B 134 9.39 -21.99 15.82
N GLU B 135 9.53 -22.89 14.86
CA GLU B 135 10.65 -23.83 14.85
C GLU B 135 11.95 -23.15 14.44
N ASP B 136 11.83 -21.93 13.91
CA ASP B 136 13.00 -21.16 13.49
C ASP B 136 13.55 -20.33 14.64
N ILE B 137 12.87 -20.36 15.77
CA ILE B 137 13.28 -19.61 16.96
C ILE B 137 14.64 -20.04 17.52
N PRO B 138 14.89 -21.36 17.67
CA PRO B 138 16.22 -21.75 18.18
C PRO B 138 17.37 -21.27 17.31
N ALA B 139 17.15 -21.23 16.00
CA ALA B 139 18.17 -20.72 15.08
C ALA B 139 18.38 -19.22 15.29
N ALA B 140 17.28 -18.49 15.45
CA ALA B 140 17.35 -17.06 15.68
C ALA B 140 17.86 -16.74 17.08
N GLY B 141 17.51 -17.61 18.04
CA GLY B 141 17.92 -17.42 19.42
C GLY B 141 19.41 -17.64 19.62
N GLU B 142 20.01 -18.47 18.77
CA GLU B 142 21.42 -18.77 18.87
C GLU B 142 22.24 -17.74 18.10
N LYS B 143 21.60 -17.12 17.12
CA LYS B 143 22.25 -16.14 16.25
C LYS B 143 22.43 -14.77 16.92
N LEU B 144 21.50 -14.41 17.80
CA LEU B 144 21.54 -13.10 18.43
C LEU B 144 21.89 -13.16 19.91
N GLY B 145 21.78 -14.34 20.49
CA GLY B 145 22.10 -14.53 21.90
C GLY B 145 20.85 -14.52 22.73
N TRP B 146 20.87 -15.28 23.83
CA TRP B 146 19.72 -15.35 24.72
C TRP B 146 19.81 -14.31 25.83
N PRO B 147 18.64 -13.82 26.30
CA PRO B 147 17.29 -14.17 25.84
C PRO B 147 16.84 -13.34 24.63
N ILE B 148 15.69 -13.71 24.05
CA ILE B 148 15.18 -13.02 22.87
C ILE B 148 13.70 -12.66 23.04
N ILE B 149 13.24 -11.69 22.25
CA ILE B 149 11.84 -11.32 22.22
C ILE B 149 11.19 -11.73 20.90
N VAL B 150 10.17 -12.58 20.96
CA VAL B 150 9.45 -12.97 19.76
C VAL B 150 7.99 -12.50 19.77
N LYS B 151 7.65 -11.64 18.81
CA LYS B 151 6.29 -11.11 18.71
C LYS B 151 5.89 -10.99 17.24
N PRO B 152 4.58 -10.98 16.95
CA PRO B 152 4.10 -10.80 15.58
C PRO B 152 4.57 -9.48 14.97
N ALA B 153 4.87 -9.49 13.67
CA ALA B 153 5.34 -8.29 12.99
C ALA B 153 4.22 -7.29 12.75
N LEU B 154 2.98 -7.78 12.74
CA LEU B 154 1.81 -6.94 12.48
C LEU B 154 1.00 -6.75 13.74
N GLY B 155 0.59 -5.51 14.00
CA GLY B 155 -0.09 -5.18 15.24
C GLY B 155 0.90 -4.85 16.32
N SER B 156 0.51 -5.02 17.58
CA SER B 156 1.45 -4.82 18.67
C SER B 156 1.76 -6.12 19.39
N GLY B 157 1.16 -7.22 18.91
CA GLY B 157 1.39 -8.52 19.52
C GLY B 157 0.98 -8.58 20.98
N ALA B 158 -0.26 -8.24 21.26
CA ALA B 158 -0.81 -8.29 22.61
C ALA B 158 -1.04 -9.74 23.06
N LEU B 159 -0.25 -10.16 24.05
CA LEU B 159 -0.29 -11.53 24.57
C LEU B 159 0.15 -12.54 23.51
N ASN B 160 0.80 -12.04 22.45
CA ASN B 160 1.46 -12.89 21.48
C ASN B 160 2.95 -12.60 21.50
N THR B 161 3.36 -11.90 22.56
CA THR B 161 4.76 -11.56 22.78
C THR B 161 5.35 -12.49 23.84
N PHE B 162 6.54 -13.01 23.59
CA PHE B 162 7.15 -13.98 24.48
C PHE B 162 8.63 -13.72 24.70
N ILE B 163 9.09 -13.95 25.94
CA ILE B 163 10.49 -13.86 26.26
C ILE B 163 11.06 -15.27 26.40
N ILE B 164 12.01 -15.61 25.55
CA ILE B 164 12.58 -16.96 25.56
C ILE B 164 14.05 -16.91 25.99
N HIS B 165 14.36 -17.63 27.05
CA HIS B 165 15.68 -17.56 27.68
C HIS B 165 16.65 -18.62 27.19
N SER B 166 16.13 -19.77 26.76
CA SER B 166 16.98 -20.86 26.30
C SER B 166 16.29 -21.70 25.24
N LEU B 167 17.00 -22.70 24.71
CA LEU B 167 16.45 -23.59 23.70
C LEU B 167 15.44 -24.54 24.32
N ASP B 168 15.72 -24.97 25.53
CA ASP B 168 14.81 -25.89 26.21
C ASP B 168 13.67 -25.12 26.87
N HIS B 169 13.84 -23.81 27.01
CA HIS B 169 12.72 -22.95 27.39
C HIS B 169 11.74 -22.94 26.24
N TYR B 170 12.26 -22.85 25.03
CA TYR B 170 11.44 -22.91 23.83
C TYR B 170 10.71 -24.25 23.74
N GLU B 171 11.42 -25.34 23.98
CA GLU B 171 10.86 -26.67 23.81
C GLU B 171 9.77 -27.00 24.82
N ASP B 172 9.74 -26.30 25.95
CA ASP B 172 8.67 -26.48 26.91
C ASP B 172 7.50 -25.54 26.62
N LEU B 173 7.79 -24.38 26.03
CA LEU B 173 6.74 -23.55 25.49
C LEU B 173 6.10 -24.22 24.27
N TYR B 174 6.92 -24.99 23.56
CA TYR B 174 6.47 -25.74 22.38
C TYR B 174 5.64 -26.96 22.75
N SER B 175 6.00 -27.63 23.83
CA SER B 175 5.35 -28.88 24.23
C SER B 175 4.05 -28.64 24.99
N THR B 176 4.00 -27.54 25.72
CA THR B 176 2.80 -27.17 26.48
C THR B 176 1.77 -26.57 25.53
N SER B 177 0.51 -26.50 25.97
CA SER B 177 -0.56 -26.01 25.13
C SER B 177 -1.00 -24.61 25.58
N GLY B 178 -0.67 -23.62 24.75
CA GLY B 178 -0.96 -22.23 25.07
C GLY B 178 0.30 -21.48 25.43
N GLY B 179 1.39 -22.21 25.66
CA GLY B 179 2.64 -21.61 26.10
C GLY B 179 3.30 -20.75 25.02
N LEU B 180 3.04 -21.07 23.76
CA LEU B 180 3.60 -20.29 22.66
C LEU B 180 2.49 -19.47 22.00
N GLY B 181 1.34 -19.41 22.66
CA GLY B 181 0.21 -18.62 22.21
C GLY B 181 -0.36 -19.03 20.86
N GLU B 182 -0.68 -18.03 20.05
CA GLU B 182 -1.27 -18.25 18.73
C GLU B 182 -0.19 -18.40 17.67
N LEU B 183 1.05 -18.21 18.08
CA LEU B 183 2.19 -18.26 17.16
C LEU B 183 2.45 -19.67 16.64
N LYS B 184 2.07 -20.68 17.41
CA LYS B 184 2.32 -22.07 17.03
C LYS B 184 1.67 -22.43 15.69
N LYS B 185 0.59 -21.72 15.35
CA LYS B 185 -0.09 -21.94 14.07
C LYS B 185 0.80 -21.60 12.87
N ASN B 186 1.80 -20.75 13.08
CA ASN B 186 2.73 -20.34 12.02
C ASN B 186 2.01 -19.75 10.81
N ASN B 187 0.97 -18.97 11.06
CA ASN B 187 0.19 -18.34 9.99
C ASN B 187 0.42 -16.84 9.88
N SER B 188 1.34 -16.32 10.70
CA SER B 188 1.61 -14.89 10.70
C SER B 188 3.12 -14.62 10.77
N LEU B 189 3.53 -13.50 10.17
CA LEU B 189 4.94 -13.11 10.17
C LEU B 189 5.36 -12.69 11.58
N ILE B 191 8.67 -11.36 14.40
CA ILE B 191 9.90 -10.60 14.55
C ILE B 191 10.64 -11.06 15.80
N ALA B 192 11.97 -10.98 15.79
CA ALA B 192 12.79 -11.44 16.91
C ALA B 192 13.93 -10.48 17.21
N GLU B 193 14.14 -10.20 18.49
CA GLU B 193 15.24 -9.36 18.94
C GLU B 193 15.71 -9.77 20.33
N LYS B 194 16.99 -9.54 20.61
CA LYS B 194 17.51 -9.86 21.94
C LYS B 194 16.81 -9.04 23.00
N CYS B 195 16.35 -9.69 24.06
CA CYS B 195 15.72 -8.96 25.14
C CYS B 195 16.77 -8.18 25.91
N ILE B 196 16.96 -6.91 25.56
CA ILE B 196 17.93 -6.06 26.29
C ILE B 196 17.27 -4.93 27.08
N GLU B 197 17.28 -5.07 28.41
CA GLU B 197 16.78 -4.04 29.33
C GLU B 197 17.44 -2.68 29.11
N GLU B 199 16.66 1.95 28.95
CA GLU B 199 15.83 3.12 29.16
C GLU B 199 14.97 3.39 27.94
N GLU B 200 13.68 3.58 28.14
CA GLU B 200 12.84 3.88 27.01
C GLU B 200 12.03 5.17 27.21
N PHE B 201 11.88 5.94 26.13
CA PHE B 201 11.09 7.17 26.16
C PHE B 201 9.99 7.05 25.12
N HIS B 202 8.99 7.93 25.17
CA HIS B 202 7.98 7.92 24.14
C HIS B 202 7.53 9.32 23.75
N CYS B 203 7.46 9.56 22.45
CA CYS B 203 7.10 10.86 21.90
C CYS B 203 5.73 10.82 21.24
N ASP B 204 4.78 11.56 21.81
CA ASP B 204 3.42 11.60 21.27
C ASP B 204 3.21 12.88 20.47
N THR B 205 2.88 12.72 19.19
CA THR B 205 2.74 13.86 18.30
C THR B 205 1.37 13.91 17.64
N LEU B 206 1.02 15.08 17.13
CA LEU B 206 -0.21 15.26 16.37
C LEU B 206 0.10 16.04 15.10
N TYR B 207 -0.12 15.41 13.94
CA TYR B 207 0.24 16.01 12.66
C TYR B 207 -0.95 16.55 11.89
N ALA B 208 -0.68 17.55 11.06
CA ALA B 208 -1.66 18.12 10.14
C ALA B 208 -0.95 18.84 9.00
N ASP B 209 -1.26 18.43 7.77
CA ASP B 209 -0.62 18.97 6.58
C ASP B 209 0.91 18.86 6.67
N GLY B 210 1.38 17.74 7.23
CA GLY B 210 2.80 17.48 7.32
C GLY B 210 3.51 18.21 8.44
N GLU B 211 2.78 19.09 9.14
CA GLU B 211 3.36 19.88 10.21
C GLU B 211 2.88 19.42 11.58
N ILE B 212 3.76 19.55 12.59
CA ILE B 212 3.42 19.17 13.95
C ILE B 212 2.59 20.23 14.65
N LEU B 213 1.37 19.86 15.03
CA LEU B 213 0.51 20.76 15.79
C LEU B 213 0.84 20.69 17.27
N PHE B 214 1.20 19.49 17.72
CA PHE B 214 1.54 19.27 19.12
C PHE B 214 2.54 18.13 19.29
N VAL B 215 3.44 18.27 20.25
CA VAL B 215 4.43 17.24 20.53
C VAL B 215 4.71 17.16 22.03
N SER B 216 4.73 15.93 22.55
CA SER B 216 5.03 15.71 23.96
C SER B 216 6.00 14.54 24.13
N ILE B 217 7.10 14.79 24.84
CA ILE B 217 8.11 13.74 25.08
C ILE B 217 8.10 13.35 26.56
N SER B 218 7.92 12.05 26.81
CA SER B 218 7.85 11.54 28.18
C SER B 218 8.85 10.42 28.43
N LYS B 219 8.85 9.89 29.66
CA LYS B 219 9.77 8.82 30.04
C LYS B 219 9.12 7.74 30.88
N TYR B 220 9.28 6.49 30.44
CA TYR B 220 8.77 5.32 31.15
C TYR B 220 9.47 5.04 32.48
N THR B 221 8.82 4.23 33.32
CA THR B 221 9.38 3.80 34.59
C THR B 221 10.67 3.02 34.41
N ILE B 231 4.20 -2.51 38.60
CA ILE B 231 3.86 -1.08 38.68
C ILE B 231 4.52 -0.30 37.54
N GLN B 232 3.74 0.54 36.89
CA GLN B 232 4.17 1.21 35.67
C GLN B 232 4.02 2.72 35.84
N GLY B 233 4.51 3.46 34.86
CA GLY B 233 4.16 4.86 34.75
C GLY B 233 5.01 5.65 33.77
N SER B 234 4.68 6.93 33.62
CA SER B 234 5.42 7.83 32.75
C SER B 234 5.33 9.24 33.28
N PHE B 235 6.22 10.11 32.83
CA PHE B 235 6.15 11.52 33.18
C PHE B 235 6.67 12.39 32.03
N ILE B 236 6.02 13.51 31.80
CA ILE B 236 6.35 14.38 30.68
C ILE B 236 7.62 15.18 30.94
N LEU B 237 8.51 15.20 29.96
CA LEU B 237 9.76 15.93 30.08
C LEU B 237 9.60 17.40 29.70
N SER B 238 10.62 18.19 29.99
CA SER B 238 10.63 19.60 29.64
C SER B 238 11.33 19.83 28.31
N GLN B 239 11.04 20.96 27.68
CA GLN B 239 11.69 21.30 26.41
C GLN B 239 13.17 21.60 26.62
N ASN B 240 13.53 21.95 27.85
CA ASN B 240 14.91 22.26 28.19
C ASN B 240 15.70 21.01 28.61
N ASP B 241 15.01 19.87 28.65
CA ASP B 241 15.68 18.61 28.98
C ASP B 241 16.71 18.29 27.90
N PRO B 242 17.91 17.86 28.32
CA PRO B 242 19.03 17.56 27.41
C PRO B 242 18.69 16.59 26.29
N VAL B 243 17.86 15.59 26.59
CA VAL B 243 17.54 14.55 25.60
C VAL B 243 16.35 14.95 24.72
N TYR B 244 15.66 16.02 25.10
CA TYR B 244 14.46 16.46 24.39
C TYR B 244 14.72 16.83 22.93
N ALA B 245 15.80 17.57 22.67
CA ALA B 245 16.09 18.05 21.32
C ALA B 245 16.47 16.92 20.36
N GLU B 246 17.12 15.88 20.88
CA GLU B 246 17.57 14.78 20.04
C GLU B 246 16.42 13.82 19.73
N ILE B 247 15.55 13.60 20.71
CA ILE B 247 14.37 12.76 20.50
C ILE B 247 13.43 13.45 19.51
N LEU B 248 13.30 14.76 19.64
CA LEU B 248 12.46 15.54 18.74
C LEU B 248 13.00 15.50 17.32
N GLU B 249 14.33 15.54 17.20
CA GLU B 249 14.98 15.49 15.89
C GLU B 249 14.88 14.10 15.30
N LEU B 250 14.80 13.10 16.18
CA LEU B 250 14.59 11.73 15.75
C LEU B 250 13.16 11.56 15.25
N GLN B 251 12.23 12.26 15.91
CA GLN B 251 10.84 12.28 15.49
C GLN B 251 10.68 12.88 14.09
N LYS B 252 11.44 13.93 13.81
CA LYS B 252 11.41 14.58 12.50
C LYS B 252 11.88 13.61 11.41
N SER B 253 12.93 12.85 11.72
CA SER B 253 13.51 11.92 10.76
C SER B 253 12.56 10.79 10.42
N VAL B 254 11.95 10.19 11.44
CA VAL B 254 11.00 9.10 11.25
C VAL B 254 9.78 9.57 10.46
N ALA B 255 9.30 10.77 10.79
CA ALA B 255 8.13 11.34 10.13
C ALA B 255 8.40 11.60 8.66
N GLN B 256 9.60 12.07 8.35
CA GLN B 256 9.99 12.36 6.98
C GLN B 256 10.12 11.08 6.17
N ALA B 257 10.71 10.06 6.78
CA ALA B 257 10.93 8.79 6.12
C ALA B 257 9.62 8.08 5.83
N PHE B 258 8.68 8.16 6.78
CA PHE B 258 7.40 7.49 6.64
C PHE B 258 6.37 8.38 5.96
N ARG B 259 6.79 9.61 5.64
CA ARG B 259 5.91 10.60 5.00
C ARG B 259 4.60 10.81 5.76
N ILE B 260 4.73 11.14 7.04
CA ILE B 260 3.56 11.43 7.88
C ILE B 260 3.01 12.82 7.58
N THR B 261 1.71 12.90 7.36
CA THR B 261 1.08 14.18 7.04
C THR B 261 -0.01 14.57 8.04
N ASP B 262 -0.84 13.59 8.41
CA ASP B 262 -1.95 13.86 9.31
C ASP B 262 -2.18 12.71 10.29
N GLY B 263 -2.67 13.04 11.48
CA GLY B 263 -3.05 12.04 12.46
C GLY B 263 -2.15 11.95 13.68
N PRO B 264 -2.51 11.08 14.63
CA PRO B 264 -1.76 10.87 15.87
C PRO B 264 -0.50 10.04 15.64
N GLY B 265 0.45 10.13 16.56
CA GLY B 265 1.66 9.34 16.50
C GLY B 265 2.20 9.00 17.87
N HIS B 266 2.68 7.76 18.02
CA HIS B 266 3.26 7.33 19.28
C HIS B 266 4.59 6.64 19.00
N LEU B 267 5.68 7.36 19.23
CA LEU B 267 7.00 6.86 18.91
C LEU B 267 7.80 6.51 20.17
N GLU B 268 8.19 5.25 20.28
CA GLU B 268 8.97 4.79 21.43
C GLU B 268 10.47 4.76 21.14
N ILE B 269 11.26 5.44 21.97
CA ILE B 269 12.70 5.53 21.80
C ILE B 269 13.48 4.87 22.94
N TYR B 270 14.53 4.13 22.60
CA TYR B 270 15.40 3.49 23.58
C TYR B 270 16.73 4.21 23.65
N ARG B 271 17.29 4.31 24.86
CA ARG B 271 18.63 4.87 25.01
C ARG B 271 19.59 3.84 25.60
N THR B 272 20.64 3.54 24.84
CA THR B 272 21.64 2.56 25.23
C THR B 272 22.55 3.08 26.34
N HIS B 273 23.34 2.18 26.91
CA HIS B 273 24.34 2.55 27.91
C HIS B 273 25.37 3.50 27.31
N SER B 274 25.66 3.29 26.03
CA SER B 274 26.50 4.21 25.26
C SER B 274 25.91 5.62 25.23
N GLY B 275 24.59 5.71 25.34
CA GLY B 275 23.89 6.98 25.26
C GLY B 275 23.31 7.19 23.88
N GLU B 276 23.49 6.19 23.03
CA GLU B 276 22.88 6.20 21.70
C GLU B 276 21.36 6.10 21.78
N LEU B 277 20.68 6.90 20.95
CA LEU B 277 19.23 6.83 20.86
C LEU B 277 18.81 6.03 19.63
N ILE B 278 18.16 4.90 19.86
CA ILE B 278 17.65 4.08 18.77
C ILE B 278 16.12 4.08 18.76
N VAL B 279 15.54 3.84 17.59
CA VAL B 279 14.09 3.83 17.46
C VAL B 279 13.54 2.45 17.76
N GLY B 280 12.68 2.37 18.77
CA GLY B 280 12.03 1.12 19.15
C GLY B 280 10.81 0.83 18.30
N GLU B 281 9.71 1.52 18.59
CA GLU B 281 8.45 1.27 17.91
C GLU B 281 7.69 2.55 17.66
N ILE B 282 6.96 2.59 16.55
CA ILE B 282 6.05 3.69 16.28
C ILE B 282 4.68 3.13 15.93
N ALA B 283 3.64 3.93 16.18
CA ALA B 283 2.28 3.50 15.88
C ALA B 283 1.39 4.70 15.60
N ARG B 285 -1.37 5.85 16.67
CA ARG B 285 -2.34 5.75 17.76
C ARG B 285 -2.11 6.85 18.78
N ILE B 286 -3.09 7.02 19.66
CA ILE B 286 -2.93 7.88 20.82
C ILE B 286 -2.45 7.02 21.98
N GLY B 287 -1.54 7.56 22.80
CA GLY B 287 -0.87 6.79 23.83
C GLY B 287 -1.83 6.06 24.76
N GLY B 288 -1.55 4.78 25.00
CA GLY B 288 -2.44 3.93 25.75
C GLY B 288 -2.38 4.17 27.24
N GLY B 289 -3.44 3.78 27.94
CA GLY B 289 -3.55 3.99 29.37
C GLY B 289 -3.63 5.44 29.79
N GLY B 290 -2.81 5.80 30.77
CA GLY B 290 -2.85 7.13 31.38
C GLY B 290 -2.23 8.24 30.56
N ILE B 291 -1.60 7.88 29.45
CA ILE B 291 -0.85 8.83 28.62
C ILE B 291 -1.71 9.98 28.10
N SER B 292 -2.92 9.66 27.63
CA SER B 292 -3.81 10.67 27.09
C SER B 292 -4.25 11.68 28.14
N ARG B 293 -4.52 11.21 29.35
CA ARG B 293 -4.97 12.11 30.42
C ARG B 293 -3.78 12.81 31.07
N ILE B 295 -1.17 13.91 29.44
CA ILE B 295 -0.96 15.04 28.54
C ILE B 295 -2.08 16.06 28.72
N GLU B 296 -3.29 15.56 28.95
CA GLU B 296 -4.46 16.42 29.10
C GLU B 296 -4.38 17.30 30.34
N LYS B 297 -3.72 16.80 31.38
CA LYS B 297 -3.55 17.56 32.61
C LYS B 297 -2.44 18.58 32.47
N LYS B 298 -1.38 18.20 31.75
CA LYS B 298 -0.20 19.05 31.59
C LYS B 298 -0.42 20.19 30.59
N PHE B 299 -1.06 19.89 29.46
CA PHE B 299 -1.17 20.87 28.37
C PHE B 299 -2.58 21.39 28.15
N ASN B 300 -3.55 20.81 28.84
CA ASN B 300 -4.97 21.18 28.67
C ASN B 300 -5.44 21.09 27.23
N ILE B 301 -5.03 20.02 26.54
CA ILE B 301 -5.47 19.78 25.17
C ILE B 301 -5.96 18.34 25.06
N SER B 302 -6.94 18.11 24.18
CA SER B 302 -7.53 16.79 24.01
C SER B 302 -7.02 16.10 22.76
N LEU B 303 -6.20 15.07 22.94
CA LEU B 303 -5.63 14.34 21.81
C LEU B 303 -6.72 13.65 20.99
N TRP B 304 -7.72 13.11 21.69
CA TRP B 304 -8.83 12.44 21.01
C TRP B 304 -9.69 13.41 20.23
N GLU B 305 -10.11 14.49 20.89
CA GLU B 305 -10.96 15.49 20.24
C GLU B 305 -10.27 16.13 19.04
N SER B 306 -8.97 16.39 19.18
CA SER B 306 -8.21 17.07 18.13
C SER B 306 -7.91 16.14 16.95
N SER B 307 -7.43 14.94 17.24
CA SER B 307 -7.06 13.99 16.19
C SER B 307 -8.28 13.55 15.39
N LEU B 308 -9.41 13.41 16.06
CA LEU B 308 -10.66 13.04 15.38
C LEU B 308 -11.13 14.18 14.48
N ASN B 309 -10.84 15.41 14.89
CA ASN B 309 -11.14 16.57 14.06
C ASN B 309 -10.25 16.58 12.82
N ILE B 310 -9.00 16.16 12.99
CA ILE B 310 -8.07 16.04 11.88
C ILE B 310 -8.51 14.96 10.89
N SER B 311 -9.03 13.86 11.42
CA SER B 311 -9.45 12.73 10.60
C SER B 311 -10.62 13.07 9.70
N VAL B 312 -11.40 14.07 10.08
CA VAL B 312 -12.55 14.49 9.29
C VAL B 312 -12.35 15.88 8.70
N TYR B 313 -11.09 16.29 8.61
CA TYR B 313 -10.70 17.55 7.98
C TYR B 313 -11.39 18.76 8.60
N ARG B 314 -11.38 18.83 9.92
CA ARG B 314 -11.87 20.00 10.63
C ARG B 314 -10.70 20.66 11.33
N ASP B 315 -10.80 21.95 11.59
CA ASP B 315 -9.76 22.67 12.33
C ASP B 315 -9.74 22.35 13.82
N PRO B 316 -8.71 21.65 14.30
CA PRO B 316 -8.66 21.55 15.75
C PRO B 316 -8.01 22.80 16.32
N ASN B 317 -8.63 23.43 17.31
CA ASN B 317 -7.98 24.54 17.96
C ASN B 317 -7.30 24.06 19.23
N LEU B 318 -6.15 23.44 19.01
CA LEU B 318 -5.30 22.91 20.06
C LEU B 318 -4.53 24.08 20.65
N THR B 319 -5.17 24.74 21.62
CA THR B 319 -4.57 25.88 22.31
C THR B 319 -3.95 25.41 23.62
N VAL B 320 -2.62 25.30 23.61
CA VAL B 320 -1.89 24.76 24.74
C VAL B 320 -1.83 25.73 25.90
N ASN B 321 -2.44 25.34 27.01
CA ASN B 321 -2.33 26.07 28.25
C ASN B 321 -1.65 25.18 29.29
N PRO B 322 -0.30 25.22 29.31
CA PRO B 322 0.51 24.35 30.15
C PRO B 322 0.47 24.72 31.63
N ILE B 323 0.23 23.73 32.48
CA ILE B 323 0.35 23.94 33.91
C ILE B 323 1.82 23.77 34.30
N GLU B 324 2.22 24.36 35.40
CA GLU B 324 3.62 24.34 35.80
C GLU B 324 3.96 23.06 36.56
N GLY B 325 5.18 22.57 36.37
CA GLY B 325 5.65 21.39 37.08
C GLY B 325 5.75 20.16 36.20
N THR B 326 6.38 19.11 36.73
CA THR B 326 6.54 17.85 36.02
C THR B 326 5.34 16.94 36.28
N VAL B 327 4.54 16.71 35.24
CA VAL B 327 3.32 15.92 35.37
C VAL B 327 3.53 14.50 34.85
N GLY B 328 2.93 13.52 35.52
CA GLY B 328 3.00 12.14 35.08
C GLY B 328 1.97 11.28 35.77
N TYR B 329 2.10 9.96 35.64
CA TYR B 329 1.14 9.05 36.25
C TYR B 329 1.76 7.70 36.62
N PHE B 330 1.13 7.01 37.57
CA PHE B 330 1.50 5.64 37.91
C PHE B 330 0.30 4.71 37.76
N SER B 331 0.52 3.52 37.20
CA SER B 331 -0.55 2.52 37.10
C SER B 331 -0.23 1.32 37.98
N LEU B 332 -1.29 0.69 38.49
CA LEU B 332 -1.15 -0.44 39.41
C LEU B 332 -1.67 -1.72 38.79
N PRO B 333 -0.87 -2.80 38.83
CA PRO B 333 -1.22 -4.08 38.24
C PRO B 333 -2.51 -4.66 38.85
N CYS B 334 -3.21 -5.49 38.07
CA CYS B 334 -4.46 -6.07 38.51
C CYS B 334 -4.48 -7.58 38.30
N ARG B 335 -4.48 -8.31 39.41
CA ARG B 335 -4.50 -9.76 39.37
C ARG B 335 -5.93 -10.26 39.17
N ASN B 336 -6.09 -11.34 38.39
CA ASN B 336 -7.41 -11.89 38.12
C ASN B 336 -7.93 -12.58 39.36
N GLY B 337 -9.23 -12.44 39.64
CA GLY B 337 -9.82 -13.06 40.81
C GLY B 337 -10.88 -12.23 41.52
N THR B 338 -11.12 -12.55 42.78
CA THR B 338 -12.15 -11.88 43.58
C THR B 338 -11.56 -10.75 44.42
N ILE B 339 -11.61 -9.52 43.90
CA ILE B 339 -11.01 -8.38 44.60
C ILE B 339 -11.67 -8.19 45.97
N LYS B 340 -10.85 -8.20 47.01
CA LYS B 340 -11.37 -8.12 48.38
C LYS B 340 -11.06 -6.79 49.05
N GLU B 341 -9.84 -6.30 48.84
CA GLU B 341 -9.41 -5.05 49.44
C GLU B 341 -8.12 -4.54 48.80
N PHE B 342 -8.06 -3.23 48.57
CA PHE B 342 -6.84 -2.60 48.09
C PHE B 342 -6.63 -1.29 48.84
N THR B 343 -5.61 -0.53 48.41
CA THR B 343 -5.32 0.75 49.04
C THR B 343 -6.44 1.75 48.83
N PRO B 344 -6.97 2.30 49.95
CA PRO B 344 -8.06 3.28 49.89
C PRO B 344 -7.63 4.57 49.17
N ILE B 345 -8.60 5.27 48.59
CA ILE B 345 -8.34 6.50 47.87
C ILE B 345 -7.73 7.56 48.77
N GLU B 346 -8.22 7.63 50.01
CA GLU B 346 -7.78 8.63 50.98
C GLU B 346 -6.27 8.55 51.23
N GLU B 347 -5.72 7.34 51.23
CA GLU B 347 -4.30 7.15 51.47
C GLU B 347 -3.49 7.72 50.30
N TRP B 348 -4.09 7.70 49.11
CA TRP B 348 -3.45 8.26 47.94
C TRP B 348 -3.55 9.78 47.97
N GLU B 349 -4.75 10.28 48.29
CA GLU B 349 -5.02 11.71 48.28
C GLU B 349 -4.20 12.45 49.34
N LYS B 350 -3.78 11.73 50.38
CA LYS B 350 -2.91 12.30 51.41
C LYS B 350 -1.57 12.72 50.85
N LEU B 351 -1.05 11.94 49.89
CA LEU B 351 0.25 12.20 49.30
C LEU B 351 0.26 13.51 48.52
N ALA B 352 1.14 14.43 48.91
CA ALA B 352 1.21 15.73 48.26
C ALA B 352 1.78 15.61 46.84
N GLY B 353 1.15 16.32 45.91
CA GLY B 353 1.59 16.30 44.52
C GLY B 353 0.66 15.55 43.60
N ILE B 354 -0.16 14.67 44.18
CA ILE B 354 -1.10 13.87 43.40
C ILE B 354 -2.29 14.70 42.93
N LEU B 355 -2.65 14.55 41.66
CA LEU B 355 -3.70 15.36 41.06
C LEU B 355 -5.05 14.66 41.06
N GLU B 356 -5.10 13.43 40.59
CA GLU B 356 -6.35 12.69 40.50
C GLU B 356 -6.12 11.18 40.68
N VAL B 357 -7.11 10.50 41.26
CA VAL B 357 -7.07 9.05 41.37
C VAL B 357 -8.19 8.43 40.54
N GLU B 358 -7.82 7.63 39.55
CA GLU B 358 -8.78 7.02 38.65
C GLU B 358 -8.82 5.51 38.82
N LEU B 359 -9.82 5.01 39.54
CA LEU B 359 -10.00 3.58 39.72
C LEU B 359 -10.79 2.99 38.56
N LEU B 360 -10.44 1.77 38.18
CA LEU B 360 -11.16 1.07 37.12
C LEU B 360 -12.01 -0.05 37.72
N TYR B 361 -11.76 -0.36 38.99
CA TYR B 361 -12.49 -1.41 39.69
C TYR B 361 -12.76 -1.00 41.14
N GLN B 362 -13.81 -1.56 41.72
CA GLN B 362 -14.12 -1.33 43.14
C GLN B 362 -14.23 -2.66 43.90
N GLU B 363 -14.25 -2.57 45.22
CA GLU B 363 -14.38 -3.73 46.11
C GLU B 363 -15.58 -4.59 45.76
N GLY B 364 -15.32 -5.85 45.38
CA GLY B 364 -16.38 -6.80 45.10
C GLY B 364 -16.65 -6.98 43.61
N ASP B 365 -15.59 -6.94 42.81
CA ASP B 365 -15.69 -7.12 41.37
C ASP B 365 -15.02 -8.42 40.91
N VAL B 366 -15.56 -9.02 39.85
CA VAL B 366 -14.95 -10.17 39.21
C VAL B 366 -14.18 -9.73 37.97
N VAL B 367 -12.89 -10.02 37.94
CA VAL B 367 -12.03 -9.57 36.85
C VAL B 367 -11.42 -10.75 36.10
N ASP B 376 -4.58 -2.39 34.02
CA ASP B 376 -4.21 -1.64 35.21
C ASP B 376 -5.38 -1.54 36.19
N LEU B 377 -5.06 -1.45 37.48
CA LEU B 377 -6.08 -1.34 38.51
C LEU B 377 -6.50 0.11 38.74
N ALA B 378 -5.52 0.99 38.88
CA ALA B 378 -5.78 2.41 39.07
C ALA B 378 -4.70 3.26 38.43
N ARG B 379 -4.99 4.54 38.23
CA ARG B 379 -4.03 5.47 37.68
C ARG B 379 -3.89 6.68 38.59
N LEU B 380 -2.66 6.99 38.98
CA LEU B 380 -2.40 8.11 39.89
C LEU B 380 -1.65 9.22 39.17
N TYR B 381 -2.35 10.32 38.89
CA TYR B 381 -1.75 11.45 38.20
C TYR B 381 -1.18 12.44 39.19
N PHE B 382 0.07 12.84 38.99
CA PHE B 382 0.75 13.73 39.91
C PHE B 382 1.31 14.97 39.21
N CYS B 383 1.76 15.93 40.00
CA CYS B 383 2.43 17.12 39.47
C CYS B 383 3.56 17.52 40.40
N LEU B 384 4.78 17.15 40.03
CA LEU B 384 5.97 17.41 40.84
C LEU B 384 6.90 18.42 40.17
N GLU B 385 7.90 18.88 40.90
CA GLU B 385 8.83 19.89 40.40
C GLU B 385 10.02 19.28 39.66
N ASN B 386 10.48 18.12 40.11
CA ASN B 386 11.65 17.47 39.51
C ASN B 386 11.50 15.95 39.38
N GLU B 387 12.39 15.34 38.61
CA GLU B 387 12.36 13.90 38.38
C GLU B 387 12.75 13.11 39.63
N ASN B 388 13.56 13.71 40.48
CA ASN B 388 13.95 13.09 41.75
C ASN B 388 12.73 12.83 42.63
N GLU B 389 11.80 13.78 42.64
CA GLU B 389 10.55 13.65 43.39
C GLU B 389 9.77 12.42 42.96
N VAL B 390 9.83 12.13 41.66
CA VAL B 390 9.07 11.03 41.08
C VAL B 390 9.51 9.69 41.67
N GLN B 391 10.82 9.50 41.77
CA GLN B 391 11.39 8.27 42.31
C GLN B 391 11.21 8.21 43.82
N HIS B 392 10.98 9.36 44.45
CA HIS B 392 10.60 9.40 45.84
C HIS B 392 9.14 8.99 45.96
N LEU B 393 8.32 9.55 45.08
CA LEU B 393 6.90 9.23 45.04
C LEU B 393 6.69 7.77 44.63
N LEU B 394 7.51 7.31 43.69
CA LEU B 394 7.44 5.92 43.23
C LEU B 394 7.73 4.96 44.39
N ALA B 395 8.70 5.32 45.22
CA ALA B 395 9.05 4.52 46.38
C ALA B 395 7.90 4.51 47.36
N LEU B 396 7.22 5.65 47.46
CA LEU B 396 6.08 5.82 48.35
C LEU B 396 4.87 4.99 47.89
N VAL B 397 4.67 4.92 46.57
CA VAL B 397 3.54 4.16 46.04
C VAL B 397 3.65 2.66 46.30
N LYS B 398 4.79 2.06 45.96
CA LYS B 398 5.02 0.64 46.24
C LYS B 398 4.90 0.34 47.72
N GLN B 399 5.25 1.34 48.52
CA GLN B 399 5.23 1.24 49.96
C GLN B 399 3.78 1.09 50.44
N THR B 400 2.92 2.01 50.01
CA THR B 400 1.55 2.04 50.48
C THR B 400 0.57 1.27 49.57
N TYR B 401 1.11 0.50 48.62
CA TYR B 401 0.26 -0.27 47.70
C TYR B 401 0.09 -1.72 48.14
N TYR B 402 -1.14 -2.21 48.05
CA TYR B 402 -1.43 -3.61 48.33
C TYR B 402 -2.71 -4.07 47.62
N LEU B 403 -2.72 -5.30 47.14
CA LEU B 403 -3.88 -5.84 46.44
C LEU B 403 -4.18 -7.28 46.88
N HIS B 404 -5.25 -7.45 47.64
CA HIS B 404 -5.64 -8.76 48.16
C HIS B 404 -6.93 -9.28 47.52
N LEU B 405 -6.90 -10.52 47.04
CA LEU B 405 -8.07 -11.13 46.43
C LEU B 405 -8.21 -12.60 46.85
#